data_3PO7
#
_entry.id   3PO7
#
_cell.length_a   131.400
_cell.length_b   222.600
_cell.length_c   86.190
_cell.angle_alpha   90.00
_cell.angle_beta   90.00
_cell.angle_gamma   90.00
#
_symmetry.space_group_name_H-M   'C 2 2 2'
#
loop_
_entity.id
_entity.type
_entity.pdbx_description
1 polymer 'Amine oxidase [flavin-containing] B'
2 non-polymer 'FLAVIN-ADENINE DINUCLEOTIDE'
3 non-polymer 1-(1,2-benzoxazol-3-yl)methanesulfonamide
4 water water
#
_entity_poly.entity_id   1
_entity_poly.type   'polypeptide(L)'
_entity_poly.pdbx_seq_one_letter_code
;MSNKCDVVVVGGGISGMAAAKLLHDSGLNVVVLEARDRVGGRTYTLRNQKVKYVDLGGSYVGPTQNRILRLAKELGLETY
KVNEVERLIHHVKGKSYPFRGPFPPVWNPITYLDHNNFWRTMDDMGREIPSDAPWKAPLAEEWDNMTMKELLDKLCWTES
AKQLATLFVNLCVTAETHEVSALWFLWYVKQCGGTTRIISTTNGGQERKFVGGSGQVSERIMDLLGDRVKLERPVIYIDQ
TRENVLVETLNHEMYEAKYVISAIPPTLGMKIHFNPPLPMMRNQMITRVPLGSVIKCIVYYKEPFWRKKDYCGTMIIDGE
EAPVAYTLDDTKPEGNYAAIMGFILAHKARKLARLTKEERLKKLCELYAKVLGSLEALEPVHYEEKNWCEEQYSGGCYTT
YFPPGILTQYGRVLRQPVDRIYFAGTETATHWSGYMEGAVEAGERAAREILHAMGKIPEDEIWQSEPESVDVPAQPITTT
FLERHLPSVPGLLRLIGLTTIFSATALGFLAHKRGLLVRV
;
_entity_poly.pdbx_strand_id   A,B
#
# COMPACT_ATOMS: atom_id res chain seq x y z
N ASN A 3 17.30 -25.96 -16.35
CA ASN A 3 17.94 -26.17 -15.02
C ASN A 3 19.10 -25.20 -14.69
N LYS A 4 20.33 -25.53 -15.10
CA LYS A 4 21.52 -24.84 -14.55
C LYS A 4 22.02 -23.65 -15.36
N CYS A 5 22.30 -22.55 -14.65
CA CYS A 5 22.92 -21.35 -15.26
C CYS A 5 23.67 -20.51 -14.20
N ASP A 6 24.23 -19.39 -14.63
CA ASP A 6 24.92 -18.48 -13.73
C ASP A 6 23.92 -17.53 -13.04
N VAL A 7 23.01 -16.96 -13.83
CA VAL A 7 22.05 -15.99 -13.31
C VAL A 7 20.67 -16.22 -13.89
N VAL A 8 19.68 -16.26 -13.00
CA VAL A 8 18.28 -16.26 -13.42
C VAL A 8 17.78 -14.83 -13.28
N VAL A 9 17.20 -14.31 -14.36
CA VAL A 9 16.56 -13.01 -14.34
C VAL A 9 15.07 -13.23 -14.31
N VAL A 10 14.40 -12.73 -13.27
CA VAL A 10 12.95 -12.84 -13.15
C VAL A 10 12.31 -11.59 -13.76
N GLY A 11 11.62 -11.76 -14.87
CA GLY A 11 11.01 -10.63 -15.57
C GLY A 11 11.70 -10.26 -16.86
N GLY A 12 10.93 -10.29 -17.94
CA GLY A 12 11.39 -9.97 -19.28
C GLY A 12 10.88 -8.64 -19.81
N GLY A 13 10.76 -7.66 -18.92
CA GLY A 13 10.57 -6.27 -19.35
C GLY A 13 11.90 -5.68 -19.75
N ILE A 14 11.91 -4.39 -20.06
CA ILE A 14 13.14 -3.72 -20.43
C ILE A 14 14.26 -3.89 -19.40
N SER A 15 13.95 -3.77 -18.11
CA SER A 15 14.98 -3.91 -17.07
C SER A 15 15.64 -5.30 -17.05
N GLY A 16 14.82 -6.35 -17.02
CA GLY A 16 15.33 -7.72 -17.03
C GLY A 16 16.10 -8.03 -18.30
N MET A 17 15.58 -7.54 -19.44
CA MET A 17 16.22 -7.78 -20.74
C MET A 17 17.57 -7.04 -20.85
N ALA A 18 17.63 -5.80 -20.36
CA ALA A 18 18.91 -5.07 -20.30
C ALA A 18 19.92 -5.76 -19.40
N ALA A 19 19.45 -6.25 -18.25
CA ALA A 19 20.31 -7.00 -17.33
C ALA A 19 20.84 -8.28 -17.99
N ALA A 20 19.93 -9.06 -18.57
CA ALA A 20 20.29 -10.31 -19.21
C ALA A 20 21.30 -10.09 -20.35
N LYS A 21 21.06 -9.05 -21.15
CA LYS A 21 21.95 -8.73 -22.26
C LYS A 21 23.36 -8.41 -21.77
N LEU A 22 23.46 -7.58 -20.73
CA LEU A 22 24.76 -7.20 -20.16
C LEU A 22 25.52 -8.42 -19.67
N LEU A 23 24.85 -9.26 -18.89
CA LEU A 23 25.44 -10.50 -18.39
C LEU A 23 25.85 -11.45 -19.51
N HIS A 24 24.98 -11.60 -20.50
CA HIS A 24 25.24 -12.45 -21.67
C HIS A 24 26.49 -11.95 -22.43
N ASP A 25 26.55 -10.64 -22.65
CA ASP A 25 27.70 -10.02 -23.35
C ASP A 25 28.99 -10.21 -22.57
N SER A 26 28.86 -10.37 -21.26
CA SER A 26 30.01 -10.54 -20.36
C SER A 26 30.49 -11.99 -20.30
N GLY A 27 29.79 -12.88 -21.00
CA GLY A 27 30.18 -14.29 -21.09
C GLY A 27 29.49 -15.21 -20.11
N LEU A 28 28.52 -14.69 -19.36
CA LEU A 28 27.79 -15.52 -18.39
C LEU A 28 26.60 -16.22 -19.03
N ASN A 29 26.19 -17.33 -18.41
CA ASN A 29 25.03 -18.09 -18.86
C ASN A 29 23.79 -17.58 -18.13
N VAL A 30 22.90 -16.96 -18.89
CA VAL A 30 21.71 -16.36 -18.29
C VAL A 30 20.43 -17.04 -18.77
N VAL A 31 19.41 -17.02 -17.91
CA VAL A 31 18.06 -17.39 -18.29
C VAL A 31 17.13 -16.27 -17.84
N VAL A 32 16.16 -15.93 -18.67
CA VAL A 32 15.10 -14.96 -18.32
C VAL A 32 13.79 -15.72 -18.14
N LEU A 33 13.20 -15.65 -16.95
CA LEU A 33 11.92 -16.30 -16.71
C LEU A 33 10.81 -15.24 -16.77
N GLU A 34 9.96 -15.33 -17.78
CA GLU A 34 8.93 -14.33 -17.99
C GLU A 34 7.54 -14.94 -17.83
N ALA A 35 6.71 -14.32 -16.99
CA ALA A 35 5.36 -14.79 -16.69
C ALA A 35 4.42 -14.83 -17.90
N ARG A 36 4.52 -13.81 -18.75
CA ARG A 36 3.59 -13.68 -19.90
C ARG A 36 4.06 -14.46 -21.12
N ASP A 37 3.18 -14.55 -22.12
CA ASP A 37 3.52 -15.14 -23.41
C ASP A 37 4.27 -14.17 -24.32
N ARG A 38 4.76 -13.07 -23.74
CA ARG A 38 5.49 -12.04 -24.48
C ARG A 38 6.51 -11.39 -23.55
N VAL A 39 7.51 -10.73 -24.14
CA VAL A 39 8.42 -9.86 -23.41
C VAL A 39 7.93 -8.42 -23.54
N GLY A 40 8.51 -7.51 -22.76
CA GLY A 40 8.17 -6.08 -22.85
C GLY A 40 7.52 -5.48 -21.62
N GLY A 41 6.73 -6.30 -20.91
CA GLY A 41 6.11 -5.92 -19.64
C GLY A 41 5.18 -4.72 -19.76
N ARG A 42 5.57 -3.61 -19.14
CA ARG A 42 4.79 -2.37 -19.21
C ARG A 42 4.96 -1.62 -20.53
N THR A 43 5.83 -2.14 -21.40
CA THR A 43 5.80 -1.75 -22.83
C THR A 43 5.08 -2.84 -23.62
N TYR A 44 4.26 -2.43 -24.57
CA TYR A 44 3.51 -3.36 -25.42
C TYR A 44 3.15 -2.64 -26.69
N THR A 45 3.71 -3.11 -27.80
CA THR A 45 3.40 -2.57 -29.11
C THR A 45 2.42 -3.49 -29.82
N LEU A 46 1.18 -3.02 -29.99
CA LEU A 46 0.17 -3.75 -30.73
C LEU A 46 0.38 -3.55 -32.24
N ARG A 47 0.32 -4.62 -33.01
CA ARG A 47 0.38 -4.52 -34.48
C ARG A 47 -0.87 -5.11 -35.12
N ASN A 48 -1.49 -4.33 -36.01
CA ASN A 48 -2.60 -4.79 -36.84
C ASN A 48 -2.70 -3.87 -38.05
N GLN A 49 -3.59 -4.19 -38.98
CA GLN A 49 -3.60 -3.47 -40.27
C GLN A 49 -4.16 -2.06 -40.13
N LYS A 50 -5.04 -1.87 -39.14
CA LYS A 50 -5.71 -0.58 -38.97
C LYS A 50 -4.79 0.49 -38.40
N VAL A 51 -3.83 0.08 -37.57
CA VAL A 51 -2.95 1.01 -36.89
C VAL A 51 -1.48 0.91 -37.34
N LYS A 52 -1.17 -0.17 -38.06
CA LYS A 52 0.21 -0.59 -38.35
C LYS A 52 0.92 -1.06 -37.06
N TYR A 53 1.28 -0.11 -36.20
CA TYR A 53 1.78 -0.41 -34.86
C TYR A 53 1.33 0.70 -33.91
N VAL A 54 1.18 0.37 -32.64
CA VAL A 54 0.85 1.39 -31.63
C VAL A 54 1.31 0.94 -30.26
N ASP A 55 1.99 1.85 -29.56
CA ASP A 55 2.38 1.63 -28.18
C ASP A 55 1.18 1.78 -27.25
N LEU A 56 0.83 0.70 -26.57
CA LEU A 56 -0.26 0.72 -25.60
C LEU A 56 0.26 0.86 -24.16
N GLY A 57 1.56 0.67 -23.98
CA GLY A 57 2.23 0.95 -22.71
C GLY A 57 3.23 2.07 -22.87
N GLY A 58 4.38 1.97 -22.19
CA GLY A 58 5.44 2.96 -22.31
C GLY A 58 5.84 3.26 -23.76
N SER A 59 6.04 4.53 -24.06
CA SER A 59 6.24 4.96 -25.44
C SER A 59 7.31 6.07 -25.62
N TYR A 60 7.20 7.12 -24.81
CA TYR A 60 8.02 8.33 -25.00
C TYR A 60 9.42 8.24 -24.42
N VAL A 61 10.37 8.76 -25.19
CA VAL A 61 11.73 8.95 -24.71
C VAL A 61 12.13 10.40 -25.01
N GLY A 62 13.17 10.89 -24.35
CA GLY A 62 13.61 12.26 -24.61
C GLY A 62 15.01 12.58 -24.14
N PRO A 63 15.43 13.84 -24.34
CA PRO A 63 16.77 14.29 -23.91
C PRO A 63 17.05 13.99 -22.44
N THR A 64 18.29 13.58 -22.17
CA THR A 64 18.81 13.10 -20.87
C THR A 64 18.51 11.64 -20.56
N GLN A 65 17.70 10.98 -21.39
CA GLN A 65 17.45 9.54 -21.25
C GLN A 65 18.44 8.75 -22.11
N ASN A 66 19.72 8.88 -21.78
CA ASN A 66 20.78 8.41 -22.67
C ASN A 66 20.96 6.91 -22.70
N ARG A 67 20.57 6.21 -21.62
CA ARG A 67 20.71 4.75 -21.56
C ARG A 67 19.72 4.03 -22.48
N ILE A 68 18.44 4.40 -22.40
CA ILE A 68 17.46 3.79 -23.30
C ILE A 68 17.78 4.14 -24.76
N LEU A 69 18.24 5.37 -25.01
CA LEU A 69 18.56 5.77 -26.38
C LEU A 69 19.73 4.95 -26.95
N ARG A 70 20.74 4.73 -26.12
CA ARG A 70 21.93 3.95 -26.51
C ARG A 70 21.57 2.49 -26.72
N LEU A 71 20.82 1.91 -25.78
CA LEU A 71 20.36 0.52 -25.94
C LEU A 71 19.55 0.36 -27.22
N ALA A 72 18.59 1.25 -27.46
CA ALA A 72 17.74 1.15 -28.63
C ALA A 72 18.52 1.35 -29.93
N LYS A 73 19.46 2.28 -29.92
CA LYS A 73 20.32 2.53 -31.09
C LYS A 73 21.12 1.28 -31.44
N GLU A 74 21.75 0.69 -30.43
CA GLU A 74 22.55 -0.52 -30.61
C GLU A 74 21.73 -1.66 -31.19
N LEU A 75 20.43 -1.69 -30.84
CA LEU A 75 19.51 -2.69 -31.34
C LEU A 75 18.99 -2.41 -32.76
N GLY A 76 19.39 -1.27 -33.32
CA GLY A 76 18.99 -0.90 -34.68
C GLY A 76 17.72 -0.07 -34.77
N LEU A 77 17.29 0.49 -33.65
CA LEU A 77 16.06 1.29 -33.62
C LEU A 77 16.32 2.77 -33.85
N GLU A 78 15.30 3.46 -34.38
CA GLU A 78 15.36 4.90 -34.64
C GLU A 78 14.22 5.58 -33.90
N THR A 79 14.40 6.86 -33.59
CA THR A 79 13.34 7.67 -32.99
C THR A 79 12.77 8.67 -33.99
N TYR A 80 11.63 9.25 -33.63
CA TYR A 80 11.08 10.37 -34.36
C TYR A 80 10.42 11.31 -33.35
N LYS A 81 10.26 12.57 -33.75
CA LYS A 81 9.75 13.58 -32.83
C LYS A 81 8.23 13.63 -32.82
N VAL A 82 7.67 13.65 -31.61
CA VAL A 82 6.23 13.83 -31.40
C VAL A 82 5.84 15.20 -31.95
N ASN A 83 4.67 15.30 -32.59
CA ASN A 83 4.25 16.58 -33.17
C ASN A 83 3.99 17.67 -32.14
N GLU A 84 4.78 18.75 -32.21
CA GLU A 84 4.53 19.94 -31.39
C GLU A 84 4.76 21.19 -32.22
N VAL A 85 4.46 21.10 -33.52
CA VAL A 85 4.69 22.22 -34.44
C VAL A 85 3.69 23.33 -34.15
N GLU A 86 2.42 22.96 -34.01
CA GLU A 86 1.33 23.93 -33.83
C GLU A 86 1.03 24.20 -32.34
N ARG A 87 -0.09 24.88 -32.05
CA ARG A 87 -0.33 25.34 -30.69
C ARG A 87 -0.84 24.24 -29.77
N LEU A 88 -0.43 24.31 -28.51
CA LEU A 88 -0.96 23.46 -27.44
C LEU A 88 -2.28 24.06 -26.98
N ILE A 89 -3.13 23.27 -26.32
CA ILE A 89 -4.39 23.79 -25.75
C ILE A 89 -4.45 23.52 -24.26
N HIS A 90 -4.80 24.54 -23.48
CA HIS A 90 -5.18 24.36 -22.08
C HIS A 90 -6.69 24.58 -22.00
N HIS A 91 -7.42 23.54 -21.61
CA HIS A 91 -8.86 23.61 -21.48
C HIS A 91 -9.21 23.69 -20.01
N VAL A 92 -9.83 24.81 -19.62
CA VAL A 92 -10.16 25.03 -18.20
C VAL A 92 -11.49 25.76 -18.11
N LYS A 93 -12.32 25.29 -17.16
CA LYS A 93 -13.69 25.78 -16.95
C LYS A 93 -14.52 25.81 -18.25
N GLY A 94 -14.39 24.74 -19.03
CA GLY A 94 -15.19 24.54 -20.23
C GLY A 94 -14.76 25.31 -21.48
N LYS A 95 -13.63 25.99 -21.42
CA LYS A 95 -13.12 26.79 -22.55
C LYS A 95 -11.66 26.44 -22.89
N SER A 96 -11.31 26.54 -24.18
CA SER A 96 -9.96 26.23 -24.65
C SER A 96 -9.12 27.48 -24.87
N TYR A 97 -7.87 27.44 -24.42
CA TYR A 97 -6.93 28.56 -24.52
C TYR A 97 -5.64 28.08 -25.18
N PRO A 98 -5.46 28.38 -26.47
CA PRO A 98 -4.25 27.93 -27.17
C PRO A 98 -3.02 28.67 -26.68
N PHE A 99 -1.86 28.01 -26.74
CA PHE A 99 -0.62 28.58 -26.24
C PHE A 99 0.61 27.88 -26.84
N ARG A 100 1.77 28.43 -26.54
CA ARG A 100 3.06 27.86 -26.93
C ARG A 100 4.02 27.84 -25.74
N GLY A 101 5.01 26.95 -25.79
CA GLY A 101 5.92 26.76 -24.67
C GLY A 101 5.40 25.62 -23.81
N PRO A 102 6.22 25.17 -22.83
CA PRO A 102 5.82 24.01 -22.03
C PRO A 102 4.70 24.27 -21.02
N PHE A 103 4.65 25.49 -20.47
CA PHE A 103 3.67 25.85 -19.43
C PHE A 103 2.50 26.68 -19.97
N PRO A 104 1.25 26.33 -19.58
CA PRO A 104 0.10 27.17 -19.94
C PRO A 104 0.25 28.57 -19.34
N PRO A 105 0.10 29.63 -20.17
CA PRO A 105 0.31 30.99 -19.70
C PRO A 105 -0.79 31.47 -18.76
N VAL A 106 -0.43 32.41 -17.89
CA VAL A 106 -1.32 32.96 -16.87
C VAL A 106 -1.23 34.47 -16.95
N TRP A 107 -2.37 35.15 -17.08
CA TRP A 107 -2.37 36.60 -17.27
C TRP A 107 -2.56 37.41 -15.99
N ASN A 108 -3.43 36.93 -15.11
CA ASN A 108 -3.68 37.57 -13.83
C ASN A 108 -2.40 37.64 -12.98
N PRO A 109 -1.96 38.87 -12.62
CA PRO A 109 -0.70 39.07 -11.91
C PRO A 109 -0.56 38.26 -10.62
N ILE A 110 -1.61 38.23 -9.78
CA ILE A 110 -1.58 37.45 -8.53
C ILE A 110 -1.42 35.97 -8.86
N THR A 111 -2.23 35.50 -9.80
CA THR A 111 -2.22 34.12 -10.23
C THR A 111 -0.88 33.76 -10.89
N TYR A 112 -0.32 34.71 -11.63
CA TYR A 112 1.00 34.51 -12.24
C TYR A 112 2.06 34.26 -11.16
N LEU A 113 2.06 35.08 -10.11
CA LEU A 113 2.99 34.92 -8.98
C LEU A 113 2.84 33.55 -8.32
N ASP A 114 1.61 33.12 -8.15
CA ASP A 114 1.31 31.84 -7.50
C ASP A 114 1.77 30.66 -8.34
N HIS A 115 1.47 30.69 -9.64
CA HIS A 115 1.95 29.66 -10.58
C HIS A 115 3.47 29.61 -10.63
N ASN A 116 4.09 30.78 -10.77
CA ASN A 116 5.54 30.86 -10.83
C ASN A 116 6.18 30.25 -9.59
N ASN A 117 5.61 30.60 -8.42
CA ASN A 117 6.13 30.12 -7.15
C ASN A 117 5.92 28.62 -6.97
N PHE A 118 4.80 28.11 -7.46
CA PHE A 118 4.53 26.68 -7.35
C PHE A 118 5.62 25.83 -8.02
N TRP A 119 5.89 26.08 -9.30
CA TRP A 119 6.86 25.29 -10.04
C TRP A 119 8.27 25.48 -9.47
N ARG A 120 8.61 26.74 -9.17
CA ARG A 120 9.88 27.09 -8.57
C ARG A 120 10.10 26.33 -7.27
N THR A 121 9.07 26.31 -6.42
CA THR A 121 9.15 25.67 -5.11
C THR A 121 9.29 24.15 -5.23
N MET A 122 8.58 23.54 -6.18
CA MET A 122 8.73 22.10 -6.46
C MET A 122 10.20 21.77 -6.70
N ASP A 123 10.85 22.56 -7.54
CA ASP A 123 12.25 22.33 -7.87
C ASP A 123 13.19 22.71 -6.72
N ASP A 124 12.86 23.78 -6.00
CA ASP A 124 13.63 24.19 -4.81
C ASP A 124 13.68 23.06 -3.78
N MET A 125 12.50 22.50 -3.48
CA MET A 125 12.42 21.40 -2.54
C MET A 125 13.15 20.18 -3.07
N GLY A 126 13.00 19.93 -4.38
CA GLY A 126 13.69 18.81 -5.05
C GLY A 126 15.20 18.83 -4.85
N ARG A 127 15.80 20.02 -4.90
CA ARG A 127 17.25 20.14 -4.75
C ARG A 127 17.75 19.72 -3.38
N GLU A 128 16.84 19.66 -2.40
CA GLU A 128 17.17 19.18 -1.06
C GLU A 128 17.22 17.65 -0.96
N ILE A 129 16.76 16.98 -2.02
CA ILE A 129 16.53 15.52 -1.98
C ILE A 129 17.57 14.77 -2.81
N PRO A 130 18.44 13.99 -2.16
CA PRO A 130 19.41 13.22 -2.95
C PRO A 130 18.71 12.16 -3.82
N SER A 131 19.08 12.10 -5.10
CA SER A 131 18.46 11.15 -6.04
C SER A 131 18.60 9.69 -5.60
N ASP A 132 19.73 9.37 -4.99
CA ASP A 132 20.00 7.98 -4.60
C ASP A 132 19.62 7.66 -3.16
N ALA A 133 19.06 8.64 -2.45
CA ALA A 133 18.71 8.46 -1.04
C ALA A 133 17.73 9.55 -0.57
N PRO A 134 16.50 9.56 -1.13
CA PRO A 134 15.55 10.63 -0.78
C PRO A 134 15.26 10.75 0.72
N TRP A 135 15.33 9.63 1.44
CA TRP A 135 15.16 9.61 2.90
C TRP A 135 16.24 10.41 3.65
N LYS A 136 17.31 10.80 2.94
CA LYS A 136 18.37 11.61 3.55
C LYS A 136 18.16 13.13 3.42
N ALA A 137 17.06 13.56 2.80
CA ALA A 137 16.73 14.99 2.77
C ALA A 137 16.61 15.51 4.20
N PRO A 138 17.06 16.75 4.46
CA PRO A 138 17.03 17.31 5.81
C PRO A 138 15.65 17.28 6.46
N LEU A 139 14.60 17.52 5.67
CA LEU A 139 13.22 17.50 6.15
C LEU A 139 12.45 16.29 5.64
N ALA A 140 13.16 15.18 5.43
CA ALA A 140 12.56 13.98 4.85
C ALA A 140 11.31 13.54 5.60
N GLU A 141 11.40 13.46 6.92
CA GLU A 141 10.28 12.99 7.73
C GLU A 141 9.06 13.89 7.61
N GLU A 142 9.26 15.20 7.80
CA GLU A 142 8.18 16.18 7.63
C GLU A 142 7.51 16.08 6.26
N TRP A 143 8.31 15.96 5.21
CA TRP A 143 7.76 15.91 3.86
C TRP A 143 7.11 14.57 3.54
N ASP A 144 7.68 13.49 4.08
CA ASP A 144 7.10 12.17 3.90
C ASP A 144 5.79 11.96 4.66
N ASN A 145 5.57 12.74 5.71
CA ASN A 145 4.38 12.59 6.54
C ASN A 145 3.17 13.41 6.08
N MET A 146 3.30 14.08 4.93
CA MET A 146 2.19 14.79 4.30
C MET A 146 1.97 14.23 2.92
N THR A 147 0.73 14.32 2.46
CA THR A 147 0.42 13.96 1.08
C THR A 147 0.74 15.13 0.15
N MET A 148 0.74 14.87 -1.15
CA MET A 148 0.84 15.97 -2.09
C MET A 148 -0.35 16.92 -2.00
N LYS A 149 -1.52 16.39 -1.67
CA LYS A 149 -2.70 17.24 -1.44
C LYS A 149 -2.45 18.31 -0.36
N GLU A 150 -1.91 17.87 0.78
CA GLU A 150 -1.56 18.79 1.87
C GLU A 150 -0.57 19.83 1.45
N LEU A 151 0.45 19.42 0.68
CA LEU A 151 1.47 20.35 0.24
C LEU A 151 0.89 21.41 -0.70
N LEU A 152 0.06 20.99 -1.64
CA LEU A 152 -0.62 21.91 -2.56
C LEU A 152 -1.54 22.88 -1.82
N ASP A 153 -2.25 22.37 -0.82
CA ASP A 153 -3.10 23.22 0.03
C ASP A 153 -2.31 24.33 0.74
N LYS A 154 -1.08 24.01 1.17
CA LYS A 154 -0.22 25.00 1.83
C LYS A 154 0.38 26.00 0.82
N LEU A 155 0.78 25.49 -0.33
CA LEU A 155 1.60 26.23 -1.28
C LEU A 155 0.83 27.10 -2.27
N CYS A 156 -0.35 26.63 -2.69
CA CYS A 156 -1.10 27.31 -3.75
C CYS A 156 -2.11 28.30 -3.16
N TRP A 157 -1.89 29.58 -3.40
CA TRP A 157 -2.79 30.62 -2.87
C TRP A 157 -3.93 30.94 -3.84
N THR A 158 -3.91 30.31 -5.01
CA THR A 158 -5.00 30.43 -5.98
C THR A 158 -5.54 29.05 -6.34
N GLU A 159 -6.85 28.99 -6.59
CA GLU A 159 -7.46 27.77 -7.12
C GLU A 159 -6.87 27.35 -8.47
N SER A 160 -6.55 28.34 -9.31
CA SER A 160 -5.97 28.08 -10.63
C SER A 160 -4.66 27.27 -10.54
N ALA A 161 -3.78 27.68 -9.65
CA ALA A 161 -2.50 26.97 -9.46
C ALA A 161 -2.74 25.59 -8.85
N LYS A 162 -3.59 25.53 -7.83
CA LYS A 162 -3.93 24.26 -7.19
C LYS A 162 -4.50 23.25 -8.19
N GLN A 163 -5.42 23.71 -9.07
CA GLN A 163 -6.01 22.87 -10.11
C GLN A 163 -4.98 22.33 -11.11
N LEU A 164 -4.10 23.20 -11.58
CA LEU A 164 -3.06 22.78 -12.53
C LEU A 164 -2.05 21.83 -11.88
N ALA A 165 -1.66 22.16 -10.64
CA ALA A 165 -0.73 21.34 -9.87
C ALA A 165 -1.32 19.95 -9.64
N THR A 166 -2.63 19.88 -9.39
CA THR A 166 -3.32 18.60 -9.21
C THR A 166 -3.27 17.75 -10.48
N LEU A 167 -3.57 18.37 -11.62
CA LEU A 167 -3.47 17.68 -12.90
C LEU A 167 -2.04 17.19 -13.14
N PHE A 168 -1.06 18.04 -12.83
CA PHE A 168 0.37 17.70 -12.93
C PHE A 168 0.70 16.41 -12.16
N VAL A 169 0.22 16.32 -10.93
CA VAL A 169 0.47 15.14 -10.12
C VAL A 169 -0.20 13.90 -10.71
N ASN A 170 -1.50 14.03 -11.01
CA ASN A 170 -2.28 12.95 -11.63
C ASN A 170 -1.59 12.40 -12.88
N LEU A 171 -1.09 13.31 -13.72
CA LEU A 171 -0.50 12.94 -15.01
C LEU A 171 0.86 12.28 -14.88
N CYS A 172 1.67 12.80 -13.96
CA CYS A 172 3.03 12.31 -13.76
C CYS A 172 3.05 10.93 -13.13
N VAL A 173 2.15 10.69 -12.18
CA VAL A 173 2.23 9.46 -11.37
C VAL A 173 0.92 8.64 -11.26
N THR A 174 -0.06 8.94 -12.11
CA THR A 174 -1.32 8.19 -12.24
C THR A 174 -1.96 7.87 -10.88
N ALA A 175 -1.91 8.86 -10.01
CA ALA A 175 -2.40 8.76 -8.65
C ALA A 175 -2.99 10.10 -8.22
N GLU A 176 -3.86 10.06 -7.22
CA GLU A 176 -4.45 11.27 -6.69
C GLU A 176 -3.45 11.98 -5.77
N THR A 177 -3.63 13.29 -5.60
CA THR A 177 -2.72 14.05 -4.74
C THR A 177 -2.75 13.60 -3.28
N HIS A 178 -3.93 13.17 -2.83
CA HIS A 178 -4.09 12.66 -1.45
C HIS A 178 -3.57 11.24 -1.25
N GLU A 179 -3.22 10.55 -2.35
CA GLU A 179 -2.74 9.16 -2.27
C GLU A 179 -1.23 9.08 -2.03
N VAL A 180 -0.50 10.11 -2.44
CA VAL A 180 0.97 10.00 -2.52
C VAL A 180 1.70 10.88 -1.51
N SER A 181 2.85 10.38 -1.06
CA SER A 181 3.77 11.14 -0.23
C SER A 181 4.30 12.36 -0.98
N ALA A 182 4.35 13.50 -0.29
CA ALA A 182 4.97 14.70 -0.85
C ALA A 182 6.47 14.50 -1.08
N LEU A 183 7.17 13.91 -0.10
CA LEU A 183 8.60 13.57 -0.26
C LEU A 183 8.83 12.72 -1.50
N TRP A 184 8.05 11.64 -1.64
CA TRP A 184 8.25 10.74 -2.77
C TRP A 184 7.99 11.46 -4.10
N PHE A 185 6.92 12.26 -4.18
CA PHE A 185 6.62 12.94 -5.44
C PHE A 185 7.67 14.00 -5.78
N LEU A 186 8.14 14.71 -4.77
CA LEU A 186 9.21 15.70 -4.98
C LEU A 186 10.49 15.02 -5.45
N TRP A 187 10.78 13.85 -4.90
CA TRP A 187 11.91 13.03 -5.35
C TRP A 187 11.71 12.62 -6.80
N TYR A 188 10.52 12.09 -7.10
CA TYR A 188 10.22 11.55 -8.41
C TYR A 188 10.46 12.61 -9.51
N VAL A 189 9.95 13.81 -9.29
CA VAL A 189 10.16 14.91 -10.24
C VAL A 189 11.63 15.32 -10.33
N LYS A 190 12.29 15.50 -9.19
CA LYS A 190 13.69 15.90 -9.19
C LYS A 190 14.59 14.89 -9.94
N GLN A 191 14.32 13.60 -9.74
CA GLN A 191 15.18 12.56 -10.34
C GLN A 191 14.92 12.38 -11.85
N CYS A 192 13.90 13.07 -12.35
CA CYS A 192 13.69 13.17 -13.80
C CYS A 192 14.30 14.44 -14.41
N GLY A 193 14.96 15.25 -13.57
CA GLY A 193 15.55 16.49 -14.01
C GLY A 193 14.73 17.73 -13.69
N GLY A 194 13.61 17.55 -12.99
CA GLY A 194 12.79 18.68 -12.56
C GLY A 194 11.52 18.93 -13.34
N THR A 195 10.80 19.98 -12.95
CA THR A 195 9.46 20.20 -13.48
C THR A 195 9.46 20.42 -14.98
N THR A 196 10.35 21.28 -15.47
CA THR A 196 10.41 21.60 -16.91
C THR A 196 10.72 20.37 -17.75
N ARG A 197 11.73 19.61 -17.34
CA ARG A 197 12.14 18.41 -18.07
C ARG A 197 11.02 17.37 -18.10
N ILE A 198 10.34 17.16 -16.98
CA ILE A 198 9.36 16.09 -16.92
C ILE A 198 8.08 16.41 -17.73
N ILE A 199 7.71 17.68 -17.80
CA ILE A 199 6.45 18.06 -18.44
C ILE A 199 6.58 18.40 -19.92
N SER A 200 7.81 18.59 -20.40
CA SER A 200 8.00 19.09 -21.74
C SER A 200 7.94 18.02 -22.81
N THR A 201 7.38 18.39 -23.95
CA THR A 201 7.48 17.57 -25.15
C THR A 201 8.83 17.90 -25.79
N THR A 202 8.89 19.00 -26.55
CA THR A 202 10.19 19.52 -27.02
C THR A 202 11.10 19.76 -25.80
N ASN A 203 12.32 19.23 -25.86
CA ASN A 203 13.32 19.31 -24.77
C ASN A 203 12.94 18.57 -23.48
N GLY A 204 11.97 17.67 -23.56
CA GLY A 204 11.58 16.91 -22.37
C GLY A 204 11.28 15.45 -22.59
N GLY A 205 10.69 14.84 -21.56
CA GLY A 205 10.40 13.41 -21.55
C GLY A 205 9.52 12.91 -22.68
N GLN A 206 8.70 13.80 -23.25
CA GLN A 206 7.75 13.37 -24.29
C GLN A 206 8.20 13.75 -25.71
N GLU A 207 9.50 14.05 -25.88
CA GLU A 207 9.97 14.56 -27.19
C GLU A 207 9.79 13.56 -28.33
N ARG A 208 10.06 12.29 -28.06
CA ARG A 208 10.17 11.30 -29.13
C ARG A 208 9.47 9.96 -28.85
N LYS A 209 9.30 9.19 -29.91
CA LYS A 209 8.90 7.79 -29.84
C LYS A 209 9.83 6.99 -30.73
N PHE A 210 9.80 5.67 -30.56
CA PHE A 210 10.56 4.78 -31.43
C PHE A 210 9.76 4.45 -32.68
N VAL A 211 10.43 4.52 -33.83
CA VAL A 211 9.82 4.09 -35.09
C VAL A 211 9.56 2.58 -34.95
N GLY A 212 8.31 2.18 -35.13
CA GLY A 212 7.93 0.77 -35.00
C GLY A 212 7.52 0.34 -33.60
N GLY A 213 7.67 1.23 -32.61
CA GLY A 213 7.23 0.96 -31.23
C GLY A 213 8.32 0.52 -30.26
N SER A 214 8.09 0.78 -28.98
CA SER A 214 9.06 0.49 -27.93
C SER A 214 9.19 -1.00 -27.58
N GLY A 215 8.17 -1.79 -27.90
CA GLY A 215 8.18 -3.22 -27.63
C GLY A 215 9.35 -3.93 -28.33
N GLN A 216 9.84 -3.30 -29.40
CA GLN A 216 11.01 -3.79 -30.13
C GLN A 216 12.28 -3.86 -29.29
N VAL A 217 12.40 -3.01 -28.27
CA VAL A 217 13.58 -3.06 -27.41
C VAL A 217 13.68 -4.45 -26.78
N SER A 218 12.62 -4.87 -26.08
CA SER A 218 12.61 -6.18 -25.43
C SER A 218 12.61 -7.33 -26.45
N GLU A 219 11.89 -7.15 -27.55
CA GLU A 219 11.80 -8.17 -28.61
C GLU A 219 13.17 -8.45 -29.23
N ARG A 220 13.92 -7.39 -29.53
CA ARG A 220 15.22 -7.57 -30.17
C ARG A 220 16.26 -8.17 -29.23
N ILE A 221 16.14 -7.87 -27.94
CA ILE A 221 17.03 -8.51 -26.96
C ILE A 221 16.70 -10.00 -26.85
N MET A 222 15.41 -10.33 -26.85
CA MET A 222 14.98 -11.74 -26.89
C MET A 222 15.56 -12.47 -28.09
N ASP A 223 15.55 -11.81 -29.25
CA ASP A 223 16.15 -12.36 -30.47
C ASP A 223 17.62 -12.70 -30.27
N LEU A 224 18.36 -11.78 -29.65
CA LEU A 224 19.78 -11.98 -29.35
C LEU A 224 20.05 -13.10 -28.37
N LEU A 225 19.13 -13.30 -27.42
CA LEU A 225 19.33 -14.29 -26.36
C LEU A 225 18.86 -15.69 -26.75
N GLY A 226 18.06 -15.77 -27.83
CA GLY A 226 17.52 -17.04 -28.32
C GLY A 226 16.67 -17.77 -27.30
N ASP A 227 17.00 -19.04 -27.08
CA ASP A 227 16.20 -19.90 -26.21
C ASP A 227 16.38 -19.62 -24.71
N ARG A 228 17.24 -18.67 -24.36
CA ARG A 228 17.49 -18.30 -22.97
C ARG A 228 16.27 -17.62 -22.32
N VAL A 229 15.43 -17.00 -23.14
CA VAL A 229 14.18 -16.40 -22.66
C VAL A 229 13.07 -17.44 -22.62
N LYS A 230 12.51 -17.66 -21.43
CA LYS A 230 11.46 -18.65 -21.20
C LYS A 230 10.13 -17.97 -20.95
N LEU A 231 9.24 -18.03 -21.94
CA LEU A 231 7.92 -17.40 -21.84
C LEU A 231 6.92 -18.30 -21.12
N GLU A 232 5.95 -17.66 -20.47
CA GLU A 232 4.93 -18.35 -19.65
C GLU A 232 5.58 -19.19 -18.55
N ARG A 233 6.58 -18.58 -17.90
CA ARG A 233 7.25 -19.12 -16.74
C ARG A 233 7.12 -18.14 -15.57
N PRO A 234 5.90 -18.01 -15.00
CA PRO A 234 5.79 -17.15 -13.80
C PRO A 234 6.52 -17.81 -12.65
N VAL A 235 7.40 -17.05 -12.01
CA VAL A 235 8.16 -17.53 -10.87
C VAL A 235 7.27 -17.52 -9.64
N ILE A 236 7.30 -18.64 -8.90
CA ILE A 236 6.46 -18.82 -7.72
C ILE A 236 7.25 -19.01 -6.42
N TYR A 237 8.54 -19.33 -6.53
CA TYR A 237 9.30 -19.80 -5.39
C TYR A 237 10.79 -19.60 -5.61
N ILE A 238 11.46 -19.01 -4.61
CA ILE A 238 12.89 -18.84 -4.63
C ILE A 238 13.45 -19.36 -3.32
N ASP A 239 14.42 -20.27 -3.44
CA ASP A 239 14.97 -20.98 -2.30
C ASP A 239 16.47 -20.71 -2.28
N GLN A 240 16.92 -20.04 -1.22
CA GLN A 240 18.34 -19.73 -1.06
C GLN A 240 19.01 -20.48 0.10
N THR A 241 18.41 -21.58 0.55
CA THR A 241 18.94 -22.32 1.70
C THR A 241 20.15 -23.19 1.36
N ARG A 242 20.36 -23.45 0.08
CA ARG A 242 21.43 -24.35 -0.37
C ARG A 242 22.54 -23.60 -1.10
N GLU A 243 23.53 -24.33 -1.59
CA GLU A 243 24.71 -23.75 -2.25
C GLU A 243 24.37 -22.90 -3.48
N ASN A 244 23.51 -23.44 -4.33
CA ASN A 244 22.97 -22.71 -5.48
C ASN A 244 21.52 -22.31 -5.23
N VAL A 245 21.13 -21.14 -5.73
CA VAL A 245 19.75 -20.67 -5.62
C VAL A 245 18.82 -21.49 -6.51
N LEU A 246 17.67 -21.86 -5.97
CA LEU A 246 16.66 -22.60 -6.70
C LEU A 246 15.47 -21.70 -7.02
N VAL A 247 15.11 -21.63 -8.30
CA VAL A 247 13.97 -20.83 -8.74
C VAL A 247 12.94 -21.73 -9.42
N GLU A 248 11.73 -21.78 -8.86
CA GLU A 248 10.66 -22.59 -9.41
C GLU A 248 9.58 -21.75 -10.09
N THR A 249 9.04 -22.30 -11.17
CA THR A 249 7.99 -21.64 -11.93
C THR A 249 6.64 -22.33 -11.73
N LEU A 250 5.57 -21.62 -12.12
CA LEU A 250 4.21 -22.12 -11.99
C LEU A 250 3.96 -23.38 -12.83
N ASN A 251 4.57 -23.43 -14.01
CA ASN A 251 4.42 -24.57 -14.92
C ASN A 251 5.35 -25.73 -14.56
N HIS A 252 5.75 -25.78 -13.29
CA HIS A 252 6.49 -26.90 -12.72
C HIS A 252 7.88 -27.13 -13.33
N GLU A 253 8.67 -26.05 -13.44
CA GLU A 253 10.06 -26.15 -13.87
C GLU A 253 10.98 -25.62 -12.77
N MET A 254 12.16 -26.20 -12.66
CA MET A 254 13.15 -25.77 -11.65
C MET A 254 14.39 -25.23 -12.31
N TYR A 255 14.82 -24.05 -11.87
CA TYR A 255 16.05 -23.44 -12.38
C TYR A 255 17.06 -23.28 -11.25
N GLU A 256 18.31 -23.57 -11.55
CA GLU A 256 19.37 -23.47 -10.56
C GLU A 256 20.40 -22.44 -10.99
N ALA A 257 20.74 -21.52 -10.08
CA ALA A 257 21.62 -20.41 -10.43
C ALA A 257 22.53 -19.99 -9.27
N LYS A 258 23.60 -19.27 -9.61
CA LYS A 258 24.48 -18.67 -8.61
C LYS A 258 23.82 -17.44 -7.98
N TYR A 259 23.16 -16.64 -8.81
CA TYR A 259 22.49 -15.41 -8.38
C TYR A 259 21.18 -15.21 -9.14
N VAL A 260 20.34 -14.35 -8.59
CA VAL A 260 19.04 -14.04 -9.18
C VAL A 260 18.91 -12.51 -9.27
N ILE A 261 18.36 -12.03 -10.39
CA ILE A 261 17.90 -10.64 -10.47
C ILE A 261 16.38 -10.64 -10.51
N SER A 262 15.78 -9.94 -9.55
CA SER A 262 14.34 -9.70 -9.56
C SER A 262 14.11 -8.40 -10.36
N ALA A 263 13.56 -8.53 -11.56
CA ALA A 263 13.34 -7.36 -12.42
C ALA A 263 11.83 -7.08 -12.60
N ILE A 264 11.09 -7.24 -11.51
CA ILE A 264 9.63 -7.08 -11.51
C ILE A 264 9.25 -5.91 -10.59
N PRO A 265 8.05 -5.33 -10.77
CA PRO A 265 7.63 -4.27 -9.85
C PRO A 265 7.73 -4.74 -8.40
N PRO A 266 8.20 -3.89 -7.47
CA PRO A 266 8.46 -4.31 -6.09
C PRO A 266 7.31 -5.09 -5.46
N THR A 267 6.09 -4.57 -5.57
CA THR A 267 4.95 -5.27 -4.98
C THR A 267 4.70 -6.66 -5.57
N LEU A 268 5.03 -6.87 -6.84
CA LEU A 268 4.83 -8.18 -7.48
C LEU A 268 5.77 -9.26 -6.92
N GLY A 269 6.75 -8.85 -6.13
CA GLY A 269 7.56 -9.76 -5.30
C GLY A 269 6.70 -10.58 -4.34
N MET A 270 5.52 -10.07 -4.03
CA MET A 270 4.55 -10.81 -3.22
C MET A 270 4.09 -12.12 -3.84
N LYS A 271 4.15 -12.21 -5.18
CA LYS A 271 3.69 -13.40 -5.89
C LYS A 271 4.68 -14.56 -5.75
N ILE A 272 5.82 -14.28 -5.13
CA ILE A 272 6.85 -15.28 -4.94
C ILE A 272 6.94 -15.67 -3.48
N HIS A 273 6.99 -16.98 -3.21
CA HIS A 273 7.15 -17.49 -1.85
C HIS A 273 8.65 -17.65 -1.64
N PHE A 274 9.16 -17.13 -0.53
CA PHE A 274 10.60 -17.12 -0.29
C PHE A 274 11.02 -18.08 0.81
N ASN A 275 12.14 -18.75 0.56
CA ASN A 275 12.77 -19.62 1.56
C ASN A 275 14.26 -19.31 1.56
N PRO A 276 14.79 -18.77 2.68
CA PRO A 276 14.09 -18.44 3.91
C PRO A 276 13.20 -17.21 3.70
N PRO A 277 12.32 -16.90 4.67
CA PRO A 277 11.48 -15.71 4.50
C PRO A 277 12.32 -14.45 4.27
N LEU A 278 11.76 -13.47 3.58
CA LEU A 278 12.44 -12.19 3.41
C LEU A 278 12.72 -11.55 4.78
N PRO A 279 13.77 -10.73 4.90
CA PRO A 279 13.90 -10.00 6.15
C PRO A 279 12.69 -9.08 6.34
N MET A 280 12.42 -8.72 7.60
CA MET A 280 11.26 -7.95 7.98
C MET A 280 10.99 -6.72 7.12
N MET A 281 12.02 -5.92 6.87
CA MET A 281 11.81 -4.66 6.18
C MET A 281 11.30 -4.87 4.76
N ARG A 282 11.95 -5.76 4.01
CA ARG A 282 11.44 -6.07 2.67
C ARG A 282 10.07 -6.77 2.68
N ASN A 283 9.87 -7.70 3.63
CA ASN A 283 8.60 -8.40 3.75
C ASN A 283 7.42 -7.42 3.83
N GLN A 284 7.60 -6.36 4.62
CA GLN A 284 6.55 -5.37 4.75
C GLN A 284 6.54 -4.33 3.63
N MET A 285 7.72 -3.95 3.15
CA MET A 285 7.82 -2.96 2.07
C MET A 285 6.98 -3.34 0.85
N ILE A 286 7.00 -4.62 0.47
CA ILE A 286 6.34 -5.06 -0.75
C ILE A 286 4.82 -5.11 -0.69
N THR A 287 4.27 -4.82 0.49
CA THR A 287 2.83 -4.67 0.70
C THR A 287 2.41 -3.21 0.78
N ARG A 288 3.39 -2.31 0.67
CA ARG A 288 3.19 -0.89 0.91
C ARG A 288 3.41 -0.01 -0.31
N VAL A 289 3.61 -0.61 -1.48
CA VAL A 289 4.07 0.11 -2.67
C VAL A 289 3.21 -0.21 -3.91
N PRO A 290 2.00 0.38 -4.01
CA PRO A 290 1.11 0.10 -5.13
C PRO A 290 1.57 0.80 -6.40
N LEU A 291 1.06 0.35 -7.54
CA LEU A 291 1.27 1.07 -8.80
C LEU A 291 0.03 1.90 -9.13
N GLY A 292 0.21 2.94 -9.94
CA GLY A 292 -0.89 3.84 -10.27
C GLY A 292 -1.91 3.23 -11.24
N SER A 293 -2.87 4.05 -11.63
CA SER A 293 -4.02 3.57 -12.42
C SER A 293 -4.17 4.43 -13.67
N VAL A 294 -4.23 3.77 -14.83
CA VAL A 294 -4.34 4.48 -16.11
C VAL A 294 -4.94 3.59 -17.20
N ILE A 295 -5.75 4.21 -18.06
CA ILE A 295 -6.14 3.60 -19.34
C ILE A 295 -5.54 4.47 -20.44
N LYS A 296 -4.71 3.88 -21.28
CA LYS A 296 -4.16 4.61 -22.43
C LYS A 296 -5.07 4.37 -23.62
N CYS A 297 -5.53 5.46 -24.24
CA CYS A 297 -6.57 5.37 -25.28
C CYS A 297 -6.11 6.09 -26.53
N ILE A 298 -6.25 5.43 -27.68
CA ILE A 298 -5.84 6.03 -28.95
C ILE A 298 -7.02 6.04 -29.91
N VAL A 299 -7.45 7.23 -30.29
CA VAL A 299 -8.56 7.41 -31.22
C VAL A 299 -7.97 7.78 -32.59
N TYR A 300 -8.37 7.03 -33.63
CA TYR A 300 -7.86 7.23 -34.99
C TYR A 300 -8.81 8.00 -35.85
N TYR A 301 -8.26 8.81 -36.74
CA TYR A 301 -9.02 9.65 -37.66
C TYR A 301 -8.47 9.53 -39.07
N LYS A 302 -9.28 9.96 -40.04
CA LYS A 302 -8.91 9.97 -41.46
C LYS A 302 -7.70 10.88 -41.72
N GLU A 303 -7.67 12.03 -41.04
CA GLU A 303 -6.61 13.02 -41.18
C GLU A 303 -6.29 13.67 -39.83
N PRO A 304 -5.07 14.22 -39.68
CA PRO A 304 -4.78 14.96 -38.45
C PRO A 304 -5.38 16.38 -38.55
N PHE A 305 -6.70 16.43 -38.53
CA PHE A 305 -7.47 17.64 -38.78
C PHE A 305 -7.16 18.82 -37.84
N TRP A 306 -6.73 18.51 -36.62
CA TRP A 306 -6.37 19.54 -35.62
C TRP A 306 -5.24 20.44 -36.11
N ARG A 307 -4.31 19.88 -36.87
CA ARG A 307 -3.20 20.66 -37.42
C ARG A 307 -3.68 21.81 -38.31
N LYS A 308 -4.78 21.58 -39.02
CA LYS A 308 -5.33 22.60 -39.92
C LYS A 308 -5.88 23.81 -39.18
N LYS A 309 -6.26 23.60 -37.92
CA LYS A 309 -6.72 24.68 -37.02
C LYS A 309 -5.56 25.25 -36.20
N ASP A 310 -4.35 24.87 -36.55
CA ASP A 310 -3.13 25.29 -35.86
C ASP A 310 -3.09 24.78 -34.42
N TYR A 311 -3.54 23.55 -34.22
CA TYR A 311 -3.41 22.82 -32.95
C TYR A 311 -2.48 21.63 -33.18
N CYS A 312 -1.51 21.43 -32.30
CA CYS A 312 -0.57 20.32 -32.51
C CYS A 312 -1.19 18.98 -32.09
N GLY A 313 -2.19 19.03 -31.22
CA GLY A 313 -2.90 17.81 -30.77
C GLY A 313 -2.69 17.60 -29.27
N THR A 314 -1.85 18.44 -28.66
CA THR A 314 -1.64 18.42 -27.22
C THR A 314 -2.79 19.16 -26.55
N MET A 315 -3.42 18.51 -25.58
CA MET A 315 -4.52 19.11 -24.85
C MET A 315 -4.28 18.81 -23.38
N ILE A 316 -4.29 19.87 -22.58
CA ILE A 316 -4.22 19.78 -21.12
C ILE A 316 -5.62 20.14 -20.64
N ILE A 317 -6.34 19.15 -20.12
CA ILE A 317 -7.78 19.29 -19.90
C ILE A 317 -8.14 19.13 -18.43
N ASP A 318 -8.53 20.25 -17.83
CA ASP A 318 -8.89 20.27 -16.43
C ASP A 318 -10.40 20.19 -16.27
N GLY A 319 -10.85 19.38 -15.32
CA GLY A 319 -12.28 19.26 -15.05
C GLY A 319 -12.67 17.82 -14.76
N GLU A 320 -13.51 17.65 -13.74
CA GLU A 320 -13.96 16.34 -13.32
C GLU A 320 -14.73 15.61 -14.42
N GLU A 321 -15.44 16.37 -15.27
CA GLU A 321 -16.27 15.80 -16.33
C GLU A 321 -15.42 15.16 -17.42
N ALA A 322 -14.26 15.75 -17.70
CA ALA A 322 -13.39 15.26 -18.75
C ALA A 322 -12.80 13.89 -18.38
N PRO A 323 -13.08 12.85 -19.19
CA PRO A 323 -12.48 11.53 -18.93
C PRO A 323 -10.95 11.52 -19.09
N VAL A 324 -10.45 12.32 -20.03
CA VAL A 324 -9.01 12.40 -20.34
C VAL A 324 -8.48 13.77 -19.94
N ALA A 325 -7.35 13.82 -19.22
CA ALA A 325 -6.76 15.08 -18.79
C ALA A 325 -5.57 15.53 -19.65
N TYR A 326 -5.06 14.63 -20.48
CA TYR A 326 -3.90 14.91 -21.31
C TYR A 326 -3.89 14.10 -22.59
N THR A 327 -3.60 14.78 -23.69
CA THR A 327 -3.47 14.12 -24.98
C THR A 327 -2.20 14.55 -25.70
N LEU A 328 -1.75 13.71 -26.63
CA LEU A 328 -0.70 14.03 -27.60
C LEU A 328 -1.09 13.51 -28.98
N ASP A 329 -0.65 14.20 -30.02
CA ASP A 329 -0.74 13.71 -31.40
C ASP A 329 0.01 12.38 -31.51
N ASP A 330 -0.66 11.32 -31.97
CA ASP A 330 -0.03 9.99 -32.14
C ASP A 330 0.05 9.56 -33.62
N THR A 331 -0.11 10.52 -34.52
CA THR A 331 0.07 10.32 -35.95
C THR A 331 1.48 9.78 -36.25
N LYS A 332 1.56 8.87 -37.21
CA LYS A 332 2.86 8.34 -37.65
C LYS A 332 3.73 9.45 -38.24
N PRO A 333 5.07 9.30 -38.20
CA PRO A 333 5.92 10.38 -38.69
C PRO A 333 5.72 10.64 -40.17
N GLU A 334 5.20 9.64 -40.89
CA GLU A 334 4.90 9.78 -42.32
C GLU A 334 3.67 10.65 -42.58
N GLY A 335 2.87 10.85 -41.52
CA GLY A 335 1.70 11.73 -41.59
C GLY A 335 0.39 10.97 -41.72
N ASN A 336 0.47 9.65 -41.77
CA ASN A 336 -0.73 8.81 -41.88
C ASN A 336 -1.09 8.15 -40.54
N TYR A 337 -2.19 7.39 -40.53
CA TYR A 337 -2.75 6.80 -39.31
C TYR A 337 -2.94 7.90 -38.26
N ALA A 338 -3.53 9.02 -38.69
CA ALA A 338 -3.80 10.15 -37.82
C ALA A 338 -4.46 9.67 -36.54
N ALA A 339 -4.02 10.20 -35.39
CA ALA A 339 -4.48 9.68 -34.10
C ALA A 339 -4.20 10.64 -32.94
N ILE A 340 -5.06 10.58 -31.93
CA ILE A 340 -4.88 11.30 -30.68
C ILE A 340 -4.72 10.24 -29.58
N MET A 341 -3.63 10.35 -28.81
CA MET A 341 -3.41 9.52 -27.64
C MET A 341 -3.89 10.30 -26.42
N GLY A 342 -4.65 9.64 -25.55
CA GLY A 342 -5.11 10.28 -24.33
C GLY A 342 -5.01 9.33 -23.15
N PHE A 343 -4.79 9.89 -21.96
CA PHE A 343 -4.72 9.12 -20.74
C PHE A 343 -5.96 9.37 -19.87
N ILE A 344 -6.56 8.29 -19.38
CA ILE A 344 -7.61 8.37 -18.35
C ILE A 344 -6.92 8.01 -17.04
N LEU A 345 -6.90 8.95 -16.09
CA LEU A 345 -5.96 8.91 -14.95
C LEU A 345 -6.60 8.63 -13.60
N ALA A 346 -5.89 7.85 -12.78
CA ALA A 346 -6.20 7.66 -11.36
C ALA A 346 -7.67 7.32 -11.12
N HIS A 347 -8.42 8.10 -10.33
CA HIS A 347 -9.80 7.71 -10.01
C HIS A 347 -10.69 7.53 -11.26
N LYS A 348 -10.40 8.27 -12.32
CA LYS A 348 -11.20 8.16 -13.55
C LYS A 348 -10.98 6.82 -14.26
N ALA A 349 -9.78 6.26 -14.13
CA ALA A 349 -9.50 4.94 -14.69
C ALA A 349 -10.38 3.89 -13.99
N ARG A 350 -10.51 4.02 -12.66
CA ARG A 350 -11.40 3.15 -11.88
C ARG A 350 -12.85 3.38 -12.27
N LYS A 351 -13.26 4.65 -12.33
CA LYS A 351 -14.65 5.04 -12.59
C LYS A 351 -15.12 4.59 -13.99
N LEU A 352 -14.32 4.91 -15.00
CA LEU A 352 -14.71 4.67 -16.39
C LEU A 352 -14.41 3.26 -16.93
N ALA A 353 -13.70 2.45 -16.15
CA ALA A 353 -13.48 1.04 -16.49
C ALA A 353 -14.80 0.25 -16.60
N ARG A 354 -15.82 0.72 -15.88
CA ARG A 354 -17.18 0.12 -15.88
C ARG A 354 -17.81 0.10 -17.28
N LEU A 355 -17.48 1.11 -18.08
CA LEU A 355 -18.07 1.29 -19.40
C LEU A 355 -17.57 0.29 -20.43
N THR A 356 -18.26 0.21 -21.56
CA THR A 356 -17.75 -0.58 -22.68
C THR A 356 -16.69 0.25 -23.42
N LYS A 357 -15.87 -0.44 -24.20
CA LYS A 357 -14.92 0.21 -25.10
C LYS A 357 -15.62 1.24 -25.99
N GLU A 358 -16.78 0.87 -26.54
CA GLU A 358 -17.57 1.77 -27.38
C GLU A 358 -18.03 3.02 -26.62
N GLU A 359 -18.45 2.84 -25.37
CA GLU A 359 -18.87 3.96 -24.54
C GLU A 359 -17.72 4.91 -24.19
N ARG A 360 -16.54 4.35 -23.89
CA ARG A 360 -15.37 5.18 -23.68
C ARG A 360 -14.99 5.96 -24.95
N LEU A 361 -15.05 5.30 -26.10
CA LEU A 361 -14.71 5.98 -27.36
C LEU A 361 -15.63 7.19 -27.58
N LYS A 362 -16.92 6.99 -27.33
CA LYS A 362 -17.92 8.05 -27.49
C LYS A 362 -17.59 9.23 -26.58
N LYS A 363 -17.32 8.95 -25.31
CA LYS A 363 -17.01 10.03 -24.35
C LYS A 363 -15.76 10.80 -24.75
N LEU A 364 -14.75 10.08 -25.26
CA LEU A 364 -13.52 10.72 -25.68
C LEU A 364 -13.72 11.60 -26.90
N CYS A 365 -14.47 11.11 -27.88
CA CYS A 365 -14.73 11.90 -29.09
C CYS A 365 -15.51 13.17 -28.77
N GLU A 366 -16.49 13.05 -27.88
CA GLU A 366 -17.31 14.22 -27.51
C GLU A 366 -16.46 15.26 -26.76
N LEU A 367 -15.53 14.77 -25.93
CA LEU A 367 -14.58 15.65 -25.27
C LEU A 367 -13.67 16.35 -26.27
N TYR A 368 -13.02 15.57 -27.15
CA TYR A 368 -12.11 16.14 -28.14
C TYR A 368 -12.81 17.14 -29.06
N ALA A 369 -14.04 16.82 -29.45
CA ALA A 369 -14.82 17.75 -30.29
C ALA A 369 -14.97 19.11 -29.61
N LYS A 370 -15.33 19.10 -28.32
CA LYS A 370 -15.44 20.35 -27.56
C LYS A 370 -14.11 21.07 -27.41
N VAL A 371 -13.07 20.35 -26.98
CA VAL A 371 -11.78 21.00 -26.72
C VAL A 371 -11.18 21.60 -27.98
N LEU A 372 -11.29 20.87 -29.09
CA LEU A 372 -10.73 21.31 -30.39
C LEU A 372 -11.68 22.18 -31.19
N GLY A 373 -12.89 22.39 -30.66
CA GLY A 373 -13.97 23.09 -31.39
C GLY A 373 -14.20 22.50 -32.77
N SER A 374 -14.23 21.18 -32.86
CA SER A 374 -14.20 20.49 -34.15
C SER A 374 -15.16 19.30 -34.22
N LEU A 375 -16.19 19.43 -35.06
CA LEU A 375 -17.11 18.32 -35.29
C LEU A 375 -16.44 17.07 -35.88
N GLU A 376 -15.31 17.27 -36.56
CA GLU A 376 -14.55 16.16 -37.14
C GLU A 376 -14.10 15.15 -36.10
N ALA A 377 -13.91 15.61 -34.86
CA ALA A 377 -13.52 14.71 -33.77
C ALA A 377 -14.57 13.66 -33.44
N LEU A 378 -15.80 13.87 -33.91
CA LEU A 378 -16.89 12.92 -33.71
C LEU A 378 -16.90 11.82 -34.77
N GLU A 379 -15.90 11.84 -35.65
CA GLU A 379 -15.81 10.86 -36.73
C GLU A 379 -14.58 9.94 -36.71
N PRO A 380 -14.39 9.21 -35.59
CA PRO A 380 -13.23 8.31 -35.53
C PRO A 380 -13.31 7.17 -36.55
N VAL A 381 -12.16 6.69 -37.02
CA VAL A 381 -12.12 5.55 -37.93
C VAL A 381 -11.71 4.25 -37.24
N HIS A 382 -11.13 4.37 -36.05
CA HIS A 382 -10.63 3.23 -35.29
C HIS A 382 -10.32 3.65 -33.86
N TYR A 383 -10.20 2.68 -32.96
CA TYR A 383 -9.90 2.93 -31.56
C TYR A 383 -9.14 1.76 -30.96
N GLU A 384 -8.11 2.06 -30.18
CA GLU A 384 -7.43 1.05 -29.37
C GLU A 384 -7.24 1.59 -27.97
N GLU A 385 -7.25 0.70 -26.98
CA GLU A 385 -7.04 1.10 -25.60
C GLU A 385 -6.44 -0.04 -24.80
N LYS A 386 -5.85 0.31 -23.66
CA LYS A 386 -5.41 -0.69 -22.70
C LYS A 386 -5.54 -0.14 -21.29
N ASN A 387 -6.31 -0.84 -20.47
CA ASN A 387 -6.43 -0.54 -19.04
C ASN A 387 -5.36 -1.34 -18.30
N TRP A 388 -4.33 -0.66 -17.81
CA TRP A 388 -3.23 -1.36 -17.14
C TRP A 388 -3.55 -1.86 -15.74
N CYS A 389 -4.66 -1.37 -15.17
CA CYS A 389 -5.10 -1.79 -13.82
C CYS A 389 -5.51 -3.27 -13.77
N GLU A 390 -5.79 -3.85 -14.94
CA GLU A 390 -6.29 -5.24 -14.96
C GLU A 390 -5.17 -6.29 -15.06
N GLU A 391 -3.93 -5.82 -15.23
CA GLU A 391 -2.77 -6.67 -15.47
C GLU A 391 -2.20 -7.32 -14.19
N GLN A 392 -2.40 -8.63 -14.07
CA GLN A 392 -1.87 -9.42 -12.94
C GLN A 392 -0.35 -9.25 -12.82
N TYR A 393 0.34 -9.21 -13.95
CA TYR A 393 1.80 -9.19 -13.93
C TYR A 393 2.45 -7.80 -14.13
N SER A 394 1.62 -6.75 -14.00
CA SER A 394 2.11 -5.38 -13.92
C SER A 394 1.65 -4.71 -12.61
N GLY A 395 0.36 -4.86 -12.29
CA GLY A 395 -0.23 -4.25 -11.08
C GLY A 395 -0.81 -2.87 -11.32
N GLY A 396 -0.51 -2.30 -12.49
CA GLY A 396 -0.84 -0.92 -12.80
C GLY A 396 0.20 -0.27 -13.70
N CYS A 397 0.08 1.03 -13.88
CA CYS A 397 1.01 1.84 -14.67
C CYS A 397 0.87 3.31 -14.28
N TYR A 398 1.88 4.16 -14.53
CA TYR A 398 3.15 3.77 -15.19
C TYR A 398 4.08 3.05 -14.24
N THR A 399 3.97 3.38 -12.95
CA THR A 399 4.97 2.93 -12.01
C THR A 399 4.43 2.89 -10.59
N THR A 400 5.31 2.52 -9.68
CA THR A 400 5.02 2.40 -8.27
C THR A 400 5.03 3.76 -7.61
N TYR A 401 3.98 4.04 -6.82
CA TYR A 401 3.96 5.24 -5.98
C TYR A 401 4.10 4.89 -4.50
N PHE A 402 4.57 5.85 -3.73
CA PHE A 402 4.71 5.68 -2.28
C PHE A 402 3.72 6.55 -1.51
N PRO A 403 2.84 5.91 -0.73
CA PRO A 403 1.92 6.64 0.18
C PRO A 403 2.68 7.31 1.32
N PRO A 404 2.02 8.25 2.04
CA PRO A 404 2.70 8.96 3.10
C PRO A 404 3.36 8.02 4.11
N GLY A 405 4.59 8.34 4.49
CA GLY A 405 5.26 7.61 5.56
C GLY A 405 6.13 6.44 5.13
N ILE A 406 5.99 5.99 3.89
CA ILE A 406 6.61 4.73 3.45
C ILE A 406 8.06 4.88 2.99
N LEU A 407 8.34 5.91 2.19
CA LEU A 407 9.68 6.08 1.63
C LEU A 407 10.76 6.26 2.71
N THR A 408 10.46 7.01 3.77
CA THR A 408 11.44 7.18 4.84
C THR A 408 11.63 5.90 5.67
N GLN A 409 10.58 5.13 5.82
CA GLN A 409 10.62 3.94 6.66
C GLN A 409 11.19 2.72 5.95
N TYR A 410 10.90 2.60 4.66
CA TYR A 410 11.19 1.37 3.92
C TYR A 410 12.03 1.60 2.66
N GLY A 411 12.22 2.86 2.29
CA GLY A 411 12.90 3.23 1.04
C GLY A 411 14.30 2.64 0.90
N ARG A 412 15.03 2.59 2.00
CA ARG A 412 16.42 2.11 1.95
C ARG A 412 16.56 0.65 1.50
N VAL A 413 15.50 -0.15 1.65
CA VAL A 413 15.63 -1.56 1.26
C VAL A 413 15.20 -1.88 -0.17
N LEU A 414 14.71 -0.87 -0.91
CA LEU A 414 14.26 -1.07 -2.29
C LEU A 414 15.24 -1.87 -3.15
N ARG A 415 16.52 -1.49 -3.14
CA ARG A 415 17.50 -2.20 -3.96
C ARG A 415 18.62 -2.86 -3.14
N GLN A 416 18.35 -3.05 -1.86
CA GLN A 416 19.25 -3.80 -1.00
C GLN A 416 19.19 -5.30 -1.34
N PRO A 417 20.34 -5.90 -1.70
CA PRO A 417 20.32 -7.31 -2.02
C PRO A 417 19.84 -8.17 -0.85
N VAL A 418 19.17 -9.27 -1.17
CA VAL A 418 18.75 -10.23 -0.17
C VAL A 418 19.52 -11.52 -0.45
N ASP A 419 20.64 -11.67 0.26
CA ASP A 419 21.60 -12.78 0.04
C ASP A 419 22.08 -12.75 -1.42
N ARG A 420 21.57 -13.64 -2.28
CA ARG A 420 22.03 -13.69 -3.67
C ARG A 420 20.99 -13.15 -4.67
N ILE A 421 19.92 -12.54 -4.14
CA ILE A 421 18.93 -11.86 -4.97
C ILE A 421 19.28 -10.38 -5.06
N TYR A 422 19.42 -9.87 -6.29
CA TYR A 422 19.67 -8.46 -6.56
C TYR A 422 18.45 -7.87 -7.25
N PHE A 423 18.24 -6.56 -7.09
CA PHE A 423 16.97 -5.98 -7.53
C PHE A 423 17.12 -4.95 -8.64
N ALA A 424 16.42 -5.23 -9.75
CA ALA A 424 16.39 -4.31 -10.88
C ALA A 424 14.98 -3.74 -10.94
N GLY A 425 14.54 -3.37 -12.13
CA GLY A 425 13.21 -2.76 -12.30
C GLY A 425 13.32 -1.26 -12.21
N THR A 426 12.54 -0.56 -13.02
CA THR A 426 12.64 0.89 -13.10
C THR A 426 12.51 1.57 -11.73
N GLU A 427 11.75 0.94 -10.83
CA GLU A 427 11.50 1.50 -9.50
C GLU A 427 12.76 1.67 -8.67
N THR A 428 13.82 0.94 -9.03
CA THR A 428 15.08 0.99 -8.27
C THR A 428 16.12 1.94 -8.90
N ALA A 429 15.74 2.61 -10.00
CA ALA A 429 16.63 3.57 -10.65
C ALA A 429 16.76 4.87 -9.86
N THR A 430 17.82 5.63 -10.15
CA THR A 430 18.06 6.93 -9.52
C THR A 430 17.94 8.10 -10.51
N HIS A 431 17.73 7.77 -11.78
CA HIS A 431 17.56 8.77 -12.84
C HIS A 431 16.48 8.25 -13.79
N TRP A 432 15.38 9.00 -13.89
CA TRP A 432 14.18 8.56 -14.62
C TRP A 432 13.63 7.21 -14.17
N SER A 433 13.66 6.96 -12.86
CA SER A 433 12.85 5.89 -12.27
C SER A 433 11.40 6.12 -12.65
N GLY A 434 10.69 5.03 -12.99
CA GLY A 434 9.33 5.08 -13.50
C GLY A 434 9.24 4.94 -15.02
N TYR A 435 10.39 5.11 -15.67
CA TYR A 435 10.49 5.18 -17.13
C TYR A 435 11.29 4.03 -17.73
N MET A 436 11.21 3.89 -19.05
CA MET A 436 12.08 2.95 -19.76
C MET A 436 13.57 3.21 -19.49
N GLU A 437 13.96 4.49 -19.44
CA GLU A 437 15.32 4.87 -19.05
C GLU A 437 15.76 4.27 -17.71
N GLY A 438 14.92 4.43 -16.69
CA GLY A 438 15.17 3.86 -15.37
C GLY A 438 15.28 2.34 -15.38
N ALA A 439 14.44 1.70 -16.19
CA ALA A 439 14.54 0.26 -16.35
C ALA A 439 15.93 -0.17 -16.84
N VAL A 440 16.48 0.56 -17.81
CA VAL A 440 17.81 0.22 -18.32
C VAL A 440 18.88 0.46 -17.25
N GLU A 441 18.80 1.60 -16.57
CA GLU A 441 19.78 1.94 -15.53
C GLU A 441 19.81 0.86 -14.46
N ALA A 442 18.62 0.46 -14.00
CA ALA A 442 18.50 -0.51 -12.91
C ALA A 442 18.92 -1.94 -13.30
N GLY A 443 18.59 -2.33 -14.52
CA GLY A 443 18.94 -3.66 -15.03
C GLY A 443 20.43 -3.82 -15.16
N GLU A 444 21.07 -2.82 -15.76
CA GLU A 444 22.51 -2.84 -15.96
C GLU A 444 23.27 -2.72 -14.64
N ARG A 445 22.74 -1.92 -13.70
CA ARG A 445 23.34 -1.77 -12.37
C ARG A 445 23.25 -3.09 -11.58
N ALA A 446 22.08 -3.73 -11.60
CA ALA A 446 21.88 -5.02 -10.93
C ALA A 446 22.85 -6.07 -11.49
N ALA A 447 22.95 -6.12 -12.82
CA ALA A 447 23.86 -7.04 -13.50
C ALA A 447 25.32 -6.81 -13.05
N ARG A 448 25.74 -5.56 -12.99
CA ARG A 448 27.09 -5.23 -12.57
C ARG A 448 27.33 -5.50 -11.07
N GLU A 449 26.28 -5.39 -10.26
CA GLU A 449 26.38 -5.79 -8.85
C GLU A 449 26.78 -7.27 -8.73
N ILE A 450 26.19 -8.10 -9.59
CA ILE A 450 26.49 -9.52 -9.65
C ILE A 450 27.91 -9.74 -10.18
N LEU A 451 28.28 -9.03 -11.25
CA LEU A 451 29.66 -9.11 -11.77
C LEU A 451 30.68 -8.78 -10.68
N HIS A 452 30.39 -7.77 -9.86
CA HIS A 452 31.25 -7.43 -8.74
C HIS A 452 31.31 -8.54 -7.69
N ALA A 453 30.15 -9.13 -7.39
CA ALA A 453 30.08 -10.23 -6.43
C ALA A 453 30.89 -11.44 -6.89
N MET A 454 31.00 -11.64 -8.21
CA MET A 454 31.77 -12.74 -8.78
C MET A 454 33.26 -12.41 -8.93
N GLY A 455 33.61 -11.18 -8.60
CA GLY A 455 35.00 -10.72 -8.66
C GLY A 455 35.46 -10.35 -10.06
N LYS A 456 34.50 -10.08 -10.95
CA LYS A 456 34.80 -9.82 -12.36
C LYS A 456 35.05 -8.34 -12.67
N ILE A 457 34.51 -7.45 -11.83
CA ILE A 457 34.72 -6.00 -11.97
C ILE A 457 34.98 -5.37 -10.60
N PRO A 458 35.71 -4.23 -10.55
CA PRO A 458 35.88 -3.56 -9.26
C PRO A 458 34.62 -2.81 -8.83
N GLU A 459 34.53 -2.51 -7.54
CA GLU A 459 33.37 -1.85 -6.93
C GLU A 459 32.95 -0.58 -7.66
N ASP A 460 33.93 0.24 -8.07
CA ASP A 460 33.66 1.53 -8.69
C ASP A 460 33.03 1.43 -10.08
N GLU A 461 32.86 0.20 -10.58
CA GLU A 461 32.26 -0.02 -11.88
C GLU A 461 30.80 -0.48 -11.81
N ILE A 462 30.28 -0.65 -10.60
CA ILE A 462 28.89 -1.05 -10.41
C ILE A 462 27.96 0.02 -10.98
N TRP A 463 28.18 1.27 -10.57
CA TRP A 463 27.42 2.41 -11.07
C TRP A 463 28.22 3.09 -12.17
N GLN A 464 27.64 3.17 -13.37
CA GLN A 464 28.35 3.76 -14.49
C GLN A 464 27.61 4.90 -15.18
N SER A 465 28.34 5.98 -15.43
CA SER A 465 27.82 7.14 -16.16
C SER A 465 27.54 6.75 -17.61
N GLU A 466 26.70 7.55 -18.28
CA GLU A 466 26.34 7.30 -19.67
C GLU A 466 26.65 8.53 -20.52
N PRO A 467 27.41 8.33 -21.63
CA PRO A 467 27.67 9.44 -22.55
C PRO A 467 26.35 10.00 -23.11
N GLU A 468 26.27 11.32 -23.25
CA GLU A 468 25.11 11.97 -23.84
C GLU A 468 24.90 11.48 -25.28
N SER A 469 23.65 11.19 -25.63
CA SER A 469 23.25 10.88 -27.00
C SER A 469 23.66 12.01 -27.96
N VAL A 470 24.23 11.63 -29.09
CA VAL A 470 24.55 12.60 -30.15
C VAL A 470 23.34 12.86 -31.04
N ASP A 471 22.35 11.97 -30.98
CA ASP A 471 21.14 12.10 -31.77
C ASP A 471 20.06 12.93 -31.07
N VAL A 472 20.05 12.90 -29.74
CA VAL A 472 19.04 13.61 -28.95
C VAL A 472 19.73 14.49 -27.91
N PRO A 473 20.24 15.65 -28.38
CA PRO A 473 20.95 16.58 -27.49
C PRO A 473 20.01 17.17 -26.43
N ALA A 474 20.51 17.37 -25.22
CA ALA A 474 19.72 17.96 -24.16
C ALA A 474 20.03 19.46 -24.00
N GLN A 475 19.05 20.29 -24.28
CA GLN A 475 19.15 21.71 -23.94
C GLN A 475 19.04 21.83 -22.43
N PRO A 476 19.85 22.73 -21.82
CA PRO A 476 19.80 22.88 -20.37
C PRO A 476 18.47 23.47 -19.94
N ILE A 477 18.07 23.23 -18.69
CA ILE A 477 16.89 23.87 -18.13
C ILE A 477 17.31 25.24 -17.60
N THR A 478 16.67 26.29 -18.08
CA THR A 478 17.05 27.65 -17.72
C THR A 478 15.88 28.38 -17.07
N THR A 479 16.20 29.39 -16.27
CA THR A 479 15.20 30.31 -15.71
C THR A 479 15.52 31.76 -16.07
N THR A 480 14.54 32.65 -15.95
CA THR A 480 14.78 34.07 -16.10
C THR A 480 14.98 34.71 -14.73
N PHE A 481 15.56 35.91 -14.72
CA PHE A 481 15.73 36.68 -13.50
C PHE A 481 14.41 36.85 -12.75
N LEU A 482 13.35 37.21 -13.49
CA LEU A 482 12.03 37.41 -12.90
C LEU A 482 11.46 36.11 -12.32
N GLU A 483 11.63 35.01 -13.04
CA GLU A 483 11.20 33.69 -12.55
C GLU A 483 11.89 33.33 -11.24
N ARG A 484 13.17 33.67 -11.15
CA ARG A 484 13.97 33.41 -9.94
C ARG A 484 13.55 34.26 -8.73
N HIS A 485 13.24 35.54 -8.95
CA HIS A 485 13.14 36.49 -7.85
C HIS A 485 11.76 37.11 -7.58
N LEU A 486 10.79 36.87 -8.44
CA LEU A 486 9.43 37.37 -8.18
C LEU A 486 8.89 36.73 -6.90
N PRO A 487 8.17 37.52 -6.07
CA PRO A 487 7.71 36.98 -4.80
C PRO A 487 6.57 35.98 -4.97
N SER A 488 6.41 35.12 -3.97
CA SER A 488 5.22 34.28 -3.88
C SER A 488 4.08 35.18 -3.47
N VAL A 489 2.87 34.63 -3.39
CA VAL A 489 1.73 35.40 -2.91
C VAL A 489 1.94 35.84 -1.44
N PRO A 490 2.28 34.90 -0.52
CA PRO A 490 2.52 35.35 0.86
C PRO A 490 3.73 36.28 0.99
N GLY A 491 4.72 36.11 0.12
CA GLY A 491 5.88 37.01 0.05
C GLY A 491 5.47 38.43 -0.29
N LEU A 492 4.57 38.57 -1.27
CA LEU A 492 4.04 39.87 -1.66
C LEU A 492 3.21 40.50 -0.54
N LEU A 493 2.41 39.67 0.15
CA LEU A 493 1.61 40.13 1.28
C LEU A 493 2.49 40.64 2.44
N ARG A 494 3.60 39.95 2.67
CA ARG A 494 4.59 40.40 3.65
C ARG A 494 5.18 41.76 3.28
N LEU A 495 5.54 41.92 2.01
CA LEU A 495 6.03 43.20 1.47
C LEU A 495 5.03 44.33 1.65
N ILE A 496 3.74 44.03 1.44
CA ILE A 496 2.66 44.99 1.64
C ILE A 496 2.54 45.40 3.12
N GLY A 497 2.56 44.41 4.01
CA GLY A 497 2.47 44.65 5.45
C GLY A 497 3.63 45.46 6.01
N LEU A 498 4.82 45.28 5.44
CA LEU A 498 6.03 45.99 5.87
C LEU A 498 6.05 47.45 5.41
N THR A 499 5.55 47.69 4.19
CA THR A 499 5.40 49.05 3.66
C THR A 499 4.36 49.83 4.45
N THR A 500 3.28 49.14 4.84
CA THR A 500 2.23 49.72 5.68
C THR A 500 2.63 49.67 7.17
N ILE A 501 3.87 50.06 7.46
CA ILE A 501 4.40 50.08 8.83
C ILE A 501 5.43 51.17 9.02
N ASN B 3 -7.62 -34.91 -3.04
CA ASN B 3 -7.98 -34.12 -4.24
C ASN B 3 -9.37 -33.47 -4.12
N LYS B 4 -10.44 -34.27 -4.08
CA LYS B 4 -11.79 -33.75 -4.24
C LYS B 4 -12.52 -33.47 -2.93
N CYS B 5 -13.20 -32.32 -2.87
CA CYS B 5 -14.02 -31.95 -1.73
C CYS B 5 -15.06 -30.91 -2.15
N ASP B 6 -15.90 -30.50 -1.20
CA ASP B 6 -16.94 -29.49 -1.48
C ASP B 6 -16.37 -28.06 -1.44
N VAL B 7 -15.62 -27.74 -0.39
CA VAL B 7 -15.08 -26.40 -0.19
C VAL B 7 -13.62 -26.50 0.27
N VAL B 8 -12.75 -25.76 -0.41
CA VAL B 8 -11.40 -25.55 0.07
C VAL B 8 -11.36 -24.21 0.81
N VAL B 9 -10.85 -24.24 2.04
CA VAL B 9 -10.64 -23.02 2.82
C VAL B 9 -9.16 -22.71 2.80
N VAL B 10 -8.82 -21.52 2.32
CA VAL B 10 -7.44 -21.11 2.28
C VAL B 10 -7.11 -20.31 3.53
N GLY B 11 -6.30 -20.90 4.41
CA GLY B 11 -5.91 -20.26 5.66
C GLY B 11 -6.56 -20.90 6.87
N GLY B 12 -5.73 -21.28 7.83
CA GLY B 12 -6.20 -21.93 9.05
C GLY B 12 -6.03 -21.07 10.28
N GLY B 13 -6.30 -19.78 10.13
CA GLY B 13 -6.48 -18.89 11.29
C GLY B 13 -7.86 -19.07 11.86
N ILE B 14 -8.22 -18.24 12.82
CA ILE B 14 -9.59 -18.30 13.40
C ILE B 14 -10.69 -18.18 12.34
N SER B 15 -10.51 -17.29 11.37
CA SER B 15 -11.57 -17.08 10.36
C SER B 15 -11.78 -18.34 9.52
N GLY B 16 -10.67 -18.89 9.01
CA GLY B 16 -10.69 -20.11 8.20
C GLY B 16 -11.21 -21.31 8.95
N MET B 17 -10.77 -21.46 10.20
CA MET B 17 -11.25 -22.54 11.06
C MET B 17 -12.74 -22.43 11.38
N ALA B 18 -13.20 -21.22 11.68
CA ALA B 18 -14.61 -20.99 11.98
C ALA B 18 -15.47 -21.31 10.77
N ALA B 19 -15.03 -20.87 9.58
CA ALA B 19 -15.74 -21.19 8.34
C ALA B 19 -15.78 -22.70 8.11
N ALA B 20 -14.63 -23.36 8.25
CA ALA B 20 -14.54 -24.79 7.99
C ALA B 20 -15.38 -25.60 8.98
N LYS B 21 -15.37 -25.20 10.26
CA LYS B 21 -16.23 -25.85 11.25
C LYS B 21 -17.71 -25.75 10.87
N LEU B 22 -18.15 -24.55 10.49
CA LEU B 22 -19.57 -24.33 10.12
C LEU B 22 -19.99 -25.23 8.93
N LEU B 23 -19.16 -25.26 7.89
CA LEU B 23 -19.45 -26.08 6.72
C LEU B 23 -19.41 -27.58 7.06
N HIS B 24 -18.39 -27.99 7.82
CA HIS B 24 -18.26 -29.37 8.31
C HIS B 24 -19.50 -29.79 9.10
N ASP B 25 -19.92 -28.95 10.04
CA ASP B 25 -21.10 -29.20 10.86
C ASP B 25 -22.38 -29.27 10.02
N SER B 26 -22.37 -28.62 8.86
CA SER B 26 -23.51 -28.68 7.92
C SER B 26 -23.50 -29.93 7.05
N GLY B 27 -22.43 -30.72 7.15
CA GLY B 27 -22.33 -31.97 6.39
C GLY B 27 -21.54 -31.90 5.10
N LEU B 28 -20.91 -30.76 4.82
CA LEU B 28 -20.06 -30.65 3.65
C LEU B 28 -18.65 -31.18 3.92
N ASN B 29 -18.01 -31.68 2.86
CA ASN B 29 -16.61 -32.11 2.93
C ASN B 29 -15.69 -30.91 2.73
N VAL B 30 -14.97 -30.54 3.78
CA VAL B 30 -14.08 -29.37 3.72
C VAL B 30 -12.63 -29.77 3.88
N VAL B 31 -11.76 -28.96 3.29
CA VAL B 31 -10.31 -29.09 3.45
C VAL B 31 -9.78 -27.70 3.77
N VAL B 32 -8.92 -27.60 4.78
CA VAL B 32 -8.23 -26.34 5.11
C VAL B 32 -6.78 -26.45 4.65
N LEU B 33 -6.37 -25.51 3.81
CA LEU B 33 -5.00 -25.48 3.34
C LEU B 33 -4.29 -24.34 4.06
N GLU B 34 -3.30 -24.71 4.88
CA GLU B 34 -2.58 -23.78 5.74
C GLU B 34 -1.09 -23.74 5.40
N ALA B 35 -0.58 -22.54 5.13
CA ALA B 35 0.80 -22.36 4.71
C ALA B 35 1.83 -22.75 5.76
N ARG B 36 1.54 -22.44 7.03
CA ARG B 36 2.46 -22.70 8.13
C ARG B 36 2.41 -24.13 8.64
N ASP B 37 3.40 -24.47 9.47
CA ASP B 37 3.42 -25.75 10.19
C ASP B 37 2.55 -25.71 11.45
N ARG B 38 1.69 -24.71 11.53
CA ARG B 38 0.80 -24.57 12.67
C ARG B 38 -0.48 -23.88 12.22
N VAL B 39 -1.54 -24.03 12.99
CA VAL B 39 -2.75 -23.23 12.79
C VAL B 39 -2.73 -22.02 13.70
N GLY B 40 -3.71 -21.14 13.54
CA GLY B 40 -3.86 -19.98 14.44
C GLY B 40 -3.53 -18.63 13.82
N GLY B 41 -2.61 -18.61 12.86
CA GLY B 41 -2.30 -17.38 12.13
C GLY B 41 -1.76 -16.26 13.01
N ARG B 42 -2.52 -15.18 13.12
CA ARG B 42 -2.15 -14.03 13.96
C ARG B 42 -2.43 -14.27 15.44
N THR B 43 -2.98 -15.44 15.77
CA THR B 43 -2.88 -15.92 17.15
C THR B 43 -1.83 -17.02 17.23
N TYR B 44 -1.10 -17.01 18.33
CA TYR B 44 -0.04 -17.99 18.56
C TYR B 44 0.20 -18.06 20.05
N THR B 45 -0.06 -19.23 20.63
CA THR B 45 0.19 -19.44 22.04
C THR B 45 1.43 -20.32 22.20
N LEU B 46 2.46 -19.77 22.83
CA LEU B 46 3.70 -20.51 23.13
C LEU B 46 3.60 -21.17 24.50
N ARG B 47 4.01 -22.43 24.59
CA ARG B 47 4.07 -23.13 25.89
C ARG B 47 5.50 -23.51 26.23
N ASN B 48 5.91 -23.21 27.47
CA ASN B 48 7.15 -23.72 28.06
C ASN B 48 7.03 -23.66 29.59
N GLN B 49 7.99 -24.27 30.29
CA GLN B 49 7.93 -24.34 31.74
C GLN B 49 7.94 -22.95 32.38
N LYS B 50 8.68 -22.03 31.78
CA LYS B 50 8.90 -20.70 32.39
C LYS B 50 7.66 -19.84 32.38
N VAL B 51 6.85 -19.95 31.32
CA VAL B 51 5.66 -19.10 31.15
C VAL B 51 4.35 -19.86 31.36
N LYS B 52 4.46 -21.18 31.37
CA LYS B 52 3.31 -22.11 31.23
C LYS B 52 2.71 -21.97 29.82
N TYR B 53 1.99 -20.88 29.59
CA TYR B 53 1.54 -20.51 28.24
C TYR B 53 1.59 -18.98 28.11
N VAL B 54 1.78 -18.48 26.90
CA VAL B 54 1.71 -17.03 26.66
C VAL B 54 1.20 -16.78 25.25
N ASP B 55 0.24 -15.86 25.14
CA ASP B 55 -0.23 -15.40 23.83
C ASP B 55 0.77 -14.40 23.26
N LEU B 56 1.37 -14.75 22.14
CA LEU B 56 2.31 -13.86 21.47
C LEU B 56 1.62 -13.11 20.33
N GLY B 57 0.41 -13.54 19.98
CA GLY B 57 -0.43 -12.85 19.02
C GLY B 57 -1.67 -12.31 19.70
N GLY B 58 -2.81 -12.37 19.00
CA GLY B 58 -4.07 -11.91 19.57
C GLY B 58 -4.38 -12.64 20.86
N SER B 59 -4.93 -11.92 21.85
CA SER B 59 -5.15 -12.47 23.19
C SER B 59 -6.47 -12.05 23.84
N TYR B 60 -6.79 -10.76 23.70
CA TYR B 60 -7.88 -10.15 24.47
C TYR B 60 -9.23 -10.32 23.82
N VAL B 61 -10.22 -10.61 24.67
CA VAL B 61 -11.63 -10.58 24.29
C VAL B 61 -12.41 -9.81 25.36
N GLY B 62 -13.60 -9.36 25.00
CA GLY B 62 -14.38 -8.59 25.95
C GLY B 62 -15.83 -8.50 25.57
N PRO B 63 -16.61 -7.76 26.37
CA PRO B 63 -18.05 -7.63 26.12
C PRO B 63 -18.36 -7.12 24.72
N THR B 64 -19.46 -7.62 24.16
CA THR B 64 -19.96 -7.37 22.79
C THR B 64 -19.25 -8.19 21.72
N GLN B 65 -18.24 -8.97 22.11
CA GLN B 65 -17.59 -9.90 21.19
C GLN B 65 -18.20 -11.30 21.35
N ASN B 66 -19.48 -11.40 21.03
CA ASN B 66 -20.27 -12.59 21.37
C ASN B 66 -19.97 -13.85 20.56
N ARG B 67 -19.49 -13.65 19.32
CA ARG B 67 -19.17 -14.78 18.45
C ARG B 67 -17.93 -15.55 18.88
N ILE B 68 -16.83 -14.83 19.14
CA ILE B 68 -15.61 -15.50 19.60
C ILE B 68 -15.85 -16.15 20.98
N LEU B 69 -16.62 -15.50 21.84
CA LEU B 69 -16.93 -16.05 23.16
C LEU B 69 -17.77 -17.33 23.08
N ARG B 70 -18.75 -17.33 22.18
CA ARG B 70 -19.60 -18.52 21.95
C ARG B 70 -18.80 -19.69 21.36
N LEU B 71 -17.99 -19.40 20.35
CA LEU B 71 -17.15 -20.42 19.72
C LEU B 71 -16.14 -21.02 20.70
N ALA B 72 -15.47 -20.17 21.45
CA ALA B 72 -14.51 -20.62 22.46
C ALA B 72 -15.19 -21.48 23.53
N LYS B 73 -16.36 -21.03 23.99
CA LYS B 73 -17.10 -21.78 25.01
C LYS B 73 -17.47 -23.18 24.50
N GLU B 74 -17.94 -23.26 23.26
CA GLU B 74 -18.30 -24.53 22.65
C GLU B 74 -17.10 -25.49 22.58
N LEU B 75 -15.91 -24.93 22.32
CA LEU B 75 -14.67 -25.71 22.27
C LEU B 75 -14.12 -26.06 23.65
N GLY B 76 -14.77 -25.59 24.70
CA GLY B 76 -14.40 -25.95 26.08
C GLY B 76 -13.44 -24.98 26.73
N LEU B 77 -13.32 -23.78 26.18
CA LEU B 77 -12.44 -22.75 26.74
C LEU B 77 -13.15 -21.86 27.76
N GLU B 78 -12.38 -21.29 28.68
CA GLU B 78 -12.89 -20.34 29.68
C GLU B 78 -12.07 -19.07 29.63
N THR B 79 -12.63 -17.97 30.11
CA THR B 79 -11.87 -16.71 30.20
C THR B 79 -11.56 -16.36 31.65
N TYR B 80 -10.60 -15.45 31.81
CA TYR B 80 -10.36 -14.82 33.09
C TYR B 80 -10.16 -13.32 32.83
N LYS B 81 -10.33 -12.53 33.88
CA LYS B 81 -10.22 -11.08 33.76
C LYS B 81 -8.78 -10.57 33.83
N VAL B 82 -8.43 -9.72 32.86
CA VAL B 82 -7.19 -8.97 32.91
C VAL B 82 -7.19 -8.11 34.17
N ASN B 83 -6.07 -8.06 34.89
CA ASN B 83 -6.04 -7.31 36.15
C ASN B 83 -6.20 -5.81 35.98
N GLU B 84 -7.28 -5.25 36.56
CA GLU B 84 -7.49 -3.80 36.57
C GLU B 84 -8.08 -3.37 37.92
N VAL B 85 -7.71 -4.08 38.98
CA VAL B 85 -8.19 -3.78 40.33
C VAL B 85 -7.60 -2.45 40.85
N GLU B 86 -6.30 -2.29 40.68
CA GLU B 86 -5.57 -1.14 41.22
C GLU B 86 -5.49 -0.01 40.19
N ARG B 87 -4.66 1.00 40.43
CA ARG B 87 -4.66 2.19 39.57
C ARG B 87 -3.89 1.99 38.28
N LEU B 88 -4.40 2.61 37.22
CA LEU B 88 -3.68 2.74 35.96
C LEU B 88 -2.65 3.87 36.09
N ILE B 89 -1.65 3.87 35.21
CA ILE B 89 -0.65 4.95 35.19
C ILE B 89 -0.62 5.66 33.83
N HIS B 90 -0.68 6.98 33.85
CA HIS B 90 -0.34 7.77 32.66
C HIS B 90 1.00 8.45 32.94
N HIS B 91 2.02 8.10 32.15
CA HIS B 91 3.37 8.66 32.31
C HIS B 91 3.55 9.77 31.26
N VAL B 92 3.66 11.00 31.73
CA VAL B 92 3.78 12.15 30.83
C VAL B 92 4.88 13.08 31.33
N LYS B 93 5.69 13.59 30.39
CA LYS B 93 6.84 14.45 30.69
C LYS B 93 7.66 13.91 31.85
N GLY B 94 7.97 12.62 31.78
CA GLY B 94 8.85 11.95 32.73
C GLY B 94 8.31 11.72 34.12
N LYS B 95 6.98 11.78 34.29
CA LYS B 95 6.37 11.57 35.61
C LYS B 95 5.12 10.69 35.51
N SER B 96 4.93 9.84 36.52
CA SER B 96 3.80 8.93 36.54
C SER B 96 2.62 9.54 37.28
N TYR B 97 1.45 9.49 36.63
CA TYR B 97 0.22 9.99 37.24
C TYR B 97 -0.81 8.87 37.32
N PRO B 98 -1.01 8.33 38.52
CA PRO B 98 -1.95 7.21 38.64
C PRO B 98 -3.38 7.70 38.53
N PHE B 99 -4.25 6.86 37.99
CA PHE B 99 -5.66 7.20 37.83
C PHE B 99 -6.55 5.97 37.82
N ARG B 100 -7.86 6.21 37.91
CA ARG B 100 -8.87 5.15 37.79
C ARG B 100 -9.85 5.52 36.68
N GLY B 101 -10.53 4.52 36.12
CA GLY B 101 -11.42 4.73 34.98
C GLY B 101 -10.65 4.60 33.67
N PRO B 102 -11.37 4.55 32.53
CA PRO B 102 -10.76 4.27 31.24
C PRO B 102 -9.87 5.39 30.66
N PHE B 103 -10.23 6.65 30.91
CA PHE B 103 -9.53 7.80 30.33
C PHE B 103 -8.59 8.46 31.33
N PRO B 104 -7.32 8.70 30.93
CA PRO B 104 -6.42 9.45 31.80
C PRO B 104 -6.93 10.87 31.98
N PRO B 105 -7.02 11.33 33.23
CA PRO B 105 -7.62 12.63 33.54
C PRO B 105 -6.69 13.78 33.15
N VAL B 106 -7.31 14.93 32.92
CA VAL B 106 -6.60 16.15 32.57
C VAL B 106 -7.12 17.25 33.50
N TRP B 107 -6.20 18.07 34.00
CA TRP B 107 -6.55 19.08 35.01
C TRP B 107 -6.64 20.51 34.50
N ASN B 108 -5.77 20.90 33.57
CA ASN B 108 -5.85 22.21 32.92
C ASN B 108 -7.18 22.36 32.17
N PRO B 109 -7.90 23.46 32.43
CA PRO B 109 -9.26 23.64 31.88
C PRO B 109 -9.30 23.68 30.34
N ILE B 110 -8.31 24.30 29.72
CA ILE B 110 -8.25 24.39 28.25
C ILE B 110 -7.95 23.01 27.67
N THR B 111 -6.96 22.35 28.26
CA THR B 111 -6.60 20.99 27.89
C THR B 111 -7.79 20.06 28.11
N TYR B 112 -8.49 20.23 29.23
CA TYR B 112 -9.69 19.46 29.51
C TYR B 112 -10.74 19.56 28.39
N LEU B 113 -11.05 20.77 27.96
CA LEU B 113 -12.02 20.98 26.88
C LEU B 113 -11.55 20.31 25.60
N ASP B 114 -10.26 20.46 25.30
CA ASP B 114 -9.66 19.92 24.08
C ASP B 114 -9.70 18.40 24.05
N HIS B 115 -9.31 17.76 25.16
CA HIS B 115 -9.36 16.30 25.28
C HIS B 115 -10.79 15.78 25.17
N ASN B 116 -11.70 16.41 25.92
CA ASN B 116 -13.11 16.03 25.89
C ASN B 116 -13.67 16.07 24.47
N ASN B 117 -13.39 17.15 23.76
CA ASN B 117 -13.88 17.35 22.40
C ASN B 117 -13.31 16.33 21.43
N PHE B 118 -12.05 15.96 21.62
CA PHE B 118 -11.43 15.02 20.70
C PHE B 118 -12.16 13.67 20.68
N TRP B 119 -12.36 13.09 21.87
CA TRP B 119 -12.98 11.78 21.99
C TRP B 119 -14.43 11.86 21.54
N ARG B 120 -15.10 12.93 21.95
CA ARG B 120 -16.50 13.15 21.60
C ARG B 120 -16.68 13.26 20.10
N THR B 121 -15.80 14.03 19.46
CA THR B 121 -15.84 14.21 17.99
C THR B 121 -15.60 12.90 17.24
N MET B 122 -14.64 12.09 17.70
CA MET B 122 -14.40 10.76 17.13
C MET B 122 -15.69 9.94 17.05
N ASP B 123 -16.43 9.90 18.15
CA ASP B 123 -17.69 9.16 18.19
C ASP B 123 -18.80 9.87 17.40
N ASP B 124 -18.82 11.20 17.41
CA ASP B 124 -19.79 11.98 16.60
C ASP B 124 -19.65 11.64 15.12
N MET B 125 -18.40 11.64 14.64
CA MET B 125 -18.11 11.35 13.24
C MET B 125 -18.48 9.91 12.92
N GLY B 126 -18.18 9.00 13.84
CA GLY B 126 -18.50 7.58 13.68
C GLY B 126 -19.98 7.29 13.45
N ARG B 127 -20.84 8.07 14.09
CA ARG B 127 -22.29 7.85 13.97
C ARG B 127 -22.82 8.02 12.54
N GLU B 128 -22.02 8.68 11.70
CA GLU B 128 -22.40 8.88 10.30
C GLU B 128 -21.75 7.86 9.35
N ILE B 129 -21.04 6.88 9.91
CA ILE B 129 -20.33 5.90 9.07
C ILE B 129 -20.98 4.52 9.21
N PRO B 130 -21.67 4.05 8.15
CA PRO B 130 -22.27 2.72 8.23
C PRO B 130 -21.21 1.63 8.43
N SER B 131 -21.42 0.77 9.42
CA SER B 131 -20.44 -0.29 9.71
C SER B 131 -20.18 -1.20 8.53
N ASP B 132 -21.24 -1.51 7.79
CA ASP B 132 -21.18 -2.41 6.64
C ASP B 132 -20.83 -1.73 5.31
N ALA B 133 -20.66 -0.42 5.32
CA ALA B 133 -20.37 0.34 4.09
C ALA B 133 -19.83 1.72 4.45
N PRO B 134 -18.58 1.78 4.95
CA PRO B 134 -18.05 3.09 5.36
C PRO B 134 -17.94 4.08 4.20
N TRP B 135 -17.78 3.57 2.98
CA TRP B 135 -17.73 4.40 1.76
C TRP B 135 -19.04 5.14 1.48
N LYS B 136 -20.09 4.77 2.24
CA LYS B 136 -21.39 5.42 2.13
C LYS B 136 -21.61 6.53 3.16
N ALA B 137 -20.59 6.82 3.98
CA ALA B 137 -20.65 7.98 4.87
C ALA B 137 -20.90 9.24 4.04
N PRO B 138 -21.74 10.16 4.55
CA PRO B 138 -22.07 11.36 3.77
C PRO B 138 -20.82 12.14 3.34
N LEU B 139 -19.82 12.18 4.20
CA LEU B 139 -18.57 12.85 3.88
C LEU B 139 -17.44 11.85 3.58
N ALA B 140 -17.79 10.72 2.98
CA ALA B 140 -16.82 9.63 2.81
C ALA B 140 -15.55 10.08 2.08
N GLU B 141 -15.72 10.81 0.98
CA GLU B 141 -14.56 11.21 0.19
C GLU B 141 -13.68 12.23 0.92
N GLU B 142 -14.31 13.23 1.52
CA GLU B 142 -13.60 14.25 2.31
C GLU B 142 -12.77 13.60 3.42
N TRP B 143 -13.38 12.69 4.16
CA TRP B 143 -12.68 12.06 5.28
C TRP B 143 -11.65 11.02 4.82
N ASP B 144 -11.91 10.35 3.70
CA ASP B 144 -10.96 9.38 3.16
C ASP B 144 -9.72 10.02 2.53
N ASN B 145 -9.85 11.28 2.10
CA ASN B 145 -8.75 11.98 1.42
C ASN B 145 -7.82 12.69 2.38
N MET B 146 -8.03 12.45 3.67
CA MET B 146 -7.31 13.07 4.75
C MET B 146 -6.64 11.96 5.58
N THR B 147 -5.43 12.18 6.07
CA THR B 147 -4.88 11.23 7.04
C THR B 147 -5.39 11.54 8.44
N MET B 148 -5.22 10.60 9.37
CA MET B 148 -5.53 10.89 10.78
C MET B 148 -4.65 12.01 11.31
N LYS B 149 -3.41 12.13 10.79
CA LYS B 149 -2.53 13.22 11.21
C LYS B 149 -3.16 14.59 10.91
N GLU B 150 -3.68 14.75 9.69
CA GLU B 150 -4.38 15.98 9.29
C GLU B 150 -5.61 16.27 10.14
N LEU B 151 -6.44 15.25 10.39
CA LEU B 151 -7.62 15.41 11.23
C LEU B 151 -7.23 15.85 12.65
N LEU B 152 -6.21 15.21 13.21
CA LEU B 152 -5.74 15.57 14.55
C LEU B 152 -5.15 16.99 14.59
N ASP B 153 -4.43 17.37 13.55
CA ASP B 153 -3.90 18.73 13.45
C ASP B 153 -5.02 19.77 13.47
N LYS B 154 -6.14 19.46 12.80
CA LYS B 154 -7.29 20.35 12.76
C LYS B 154 -8.03 20.39 14.10
N LEU B 155 -8.22 19.23 14.70
CA LEU B 155 -9.11 19.08 15.85
C LEU B 155 -8.45 19.44 17.18
N CYS B 156 -7.16 19.11 17.33
CA CYS B 156 -6.50 19.27 18.63
C CYS B 156 -5.82 20.61 18.79
N TRP B 157 -6.34 21.42 19.69
CA TRP B 157 -5.77 22.76 19.94
C TRP B 157 -4.64 22.75 20.96
N THR B 158 -4.47 21.64 21.67
CA THR B 158 -3.36 21.45 22.61
C THR B 158 -2.46 20.29 22.18
N GLU B 159 -1.17 20.43 22.46
CA GLU B 159 -0.19 19.36 22.21
C GLU B 159 -0.49 18.12 23.05
N SER B 160 -0.98 18.35 24.26
CA SER B 160 -1.42 17.28 25.16
C SER B 160 -2.45 16.34 24.52
N ALA B 161 -3.53 16.92 24.00
CA ALA B 161 -4.55 16.13 23.33
C ALA B 161 -4.00 15.46 22.08
N LYS B 162 -3.18 16.21 21.33
CA LYS B 162 -2.63 15.67 20.09
C LYS B 162 -1.72 14.47 20.35
N GLN B 163 -0.90 14.54 21.40
CA GLN B 163 0.01 13.45 21.76
C GLN B 163 -0.77 12.20 22.20
N LEU B 164 -1.81 12.41 23.02
CA LEU B 164 -2.62 11.28 23.48
C LEU B 164 -3.45 10.68 22.35
N ALA B 165 -4.02 11.55 21.51
CA ALA B 165 -4.73 11.12 20.29
C ALA B 165 -3.83 10.29 19.39
N THR B 166 -2.58 10.73 19.26
CA THR B 166 -1.60 10.03 18.43
C THR B 166 -1.31 8.63 18.99
N LEU B 167 -1.08 8.55 20.30
CA LEU B 167 -0.84 7.28 20.98
C LEU B 167 -2.03 6.35 20.73
N PHE B 168 -3.23 6.89 20.87
CA PHE B 168 -4.48 6.16 20.63
C PHE B 168 -4.51 5.53 19.25
N VAL B 169 -4.15 6.31 18.23
CA VAL B 169 -4.12 5.79 16.87
C VAL B 169 -3.07 4.68 16.74
N ASN B 170 -1.88 4.95 17.25
CA ASN B 170 -0.75 4.02 17.14
C ASN B 170 -1.10 2.68 17.79
N LEU B 171 -1.77 2.75 18.93
CA LEU B 171 -2.10 1.56 19.72
C LEU B 171 -3.25 0.75 19.12
N CYS B 172 -4.24 1.46 18.60
CA CYS B 172 -5.41 0.81 18.02
C CYS B 172 -5.08 0.07 16.73
N VAL B 173 -4.25 0.68 15.89
CA VAL B 173 -4.07 0.17 14.52
C VAL B 173 -2.61 -0.02 14.11
N THR B 174 -1.70 0.02 15.09
CA THR B 174 -0.26 -0.21 14.89
C THR B 174 0.31 0.50 13.66
N ALA B 175 -0.14 1.73 13.46
CA ALA B 175 0.29 2.55 12.34
C ALA B 175 0.35 3.99 12.79
N GLU B 176 1.11 4.78 12.04
CA GLU B 176 1.28 6.18 12.29
C GLU B 176 0.04 6.94 11.83
N THR B 177 -0.23 8.09 12.48
CA THR B 177 -1.39 8.88 12.14
C THR B 177 -1.34 9.34 10.68
N HIS B 178 -0.13 9.62 10.18
CA HIS B 178 0.05 10.05 8.78
C HIS B 178 -0.06 8.90 7.77
N GLU B 179 -0.05 7.65 8.24
CA GLU B 179 -0.12 6.50 7.32
C GLU B 179 -1.55 6.14 6.93
N VAL B 180 -2.51 6.50 7.79
CA VAL B 180 -3.87 5.95 7.68
C VAL B 180 -4.94 6.99 7.32
N SER B 181 -5.92 6.56 6.51
CA SER B 181 -7.09 7.37 6.21
C SER B 181 -7.91 7.73 7.44
N ALA B 182 -8.35 8.98 7.53
CA ALA B 182 -9.28 9.38 8.61
C ALA B 182 -10.59 8.62 8.54
N LEU B 183 -11.18 8.47 7.35
CA LEU B 183 -12.42 7.69 7.19
C LEU B 183 -12.24 6.28 7.72
N TRP B 184 -11.17 5.60 7.29
CA TRP B 184 -10.98 4.23 7.69
C TRP B 184 -10.80 4.11 9.20
N PHE B 185 -9.98 5.00 9.78
CA PHE B 185 -9.77 4.91 11.23
C PHE B 185 -11.05 5.18 12.04
N LEU B 186 -11.81 6.19 11.62
CA LEU B 186 -13.11 6.48 12.25
C LEU B 186 -14.08 5.31 12.13
N TRP B 187 -14.10 4.66 10.98
CA TRP B 187 -14.92 3.44 10.81
C TRP B 187 -14.43 2.36 11.78
N TYR B 188 -13.11 2.19 11.85
CA TYR B 188 -12.53 1.12 12.66
C TYR B 188 -12.98 1.23 14.11
N VAL B 189 -12.92 2.45 14.65
CA VAL B 189 -13.29 2.69 16.05
C VAL B 189 -14.78 2.49 16.23
N LYS B 190 -15.55 3.04 15.30
CA LYS B 190 -17.01 2.95 15.36
C LYS B 190 -17.51 1.51 15.32
N GLN B 191 -16.91 0.70 14.45
CA GLN B 191 -17.33 -0.70 14.29
C GLN B 191 -16.87 -1.61 15.45
N CYS B 192 -16.02 -1.08 16.34
CA CYS B 192 -15.75 -1.74 17.64
C CYS B 192 -16.67 -1.24 18.77
N GLY B 193 -17.62 -0.37 18.44
CA GLY B 193 -18.55 0.17 19.46
C GLY B 193 -18.17 1.53 20.01
N GLY B 194 -17.14 2.15 19.46
CA GLY B 194 -16.75 3.51 19.81
C GLY B 194 -15.54 3.60 20.73
N THR B 195 -15.18 4.83 21.09
CA THR B 195 -13.91 5.08 21.79
C THR B 195 -13.83 4.36 23.14
N THR B 196 -14.87 4.50 23.96
CA THR B 196 -14.85 3.91 25.30
C THR B 196 -14.72 2.39 25.24
N ARG B 197 -15.52 1.76 24.38
CA ARG B 197 -15.49 0.31 24.22
C ARG B 197 -14.13 -0.21 23.74
N ILE B 198 -13.56 0.45 22.73
CA ILE B 198 -12.27 -0.01 22.18
C ILE B 198 -11.08 0.15 23.16
N ILE B 199 -11.14 1.18 24.00
CA ILE B 199 -9.97 1.48 24.84
C ILE B 199 -10.05 0.91 26.25
N SER B 200 -11.21 0.40 26.61
CA SER B 200 -11.44 -0.03 27.99
C SER B 200 -10.98 -1.47 28.22
N THR B 201 -10.39 -1.70 29.40
CA THR B 201 -10.16 -3.05 29.90
C THR B 201 -11.49 -3.52 30.55
N THR B 202 -11.78 -3.07 31.77
CA THR B 202 -13.10 -3.32 32.35
C THR B 202 -14.17 -2.77 31.40
N ASN B 203 -15.11 -3.63 31.01
CA ASN B 203 -16.22 -3.34 30.09
C ASN B 203 -15.80 -3.00 28.65
N GLY B 204 -14.61 -3.44 28.23
CA GLY B 204 -14.20 -3.18 26.84
C GLY B 204 -13.40 -4.30 26.22
N GLY B 205 -12.76 -4.01 25.09
CA GLY B 205 -12.02 -5.01 24.32
C GLY B 205 -10.92 -5.77 25.05
N GLN B 206 -10.33 -5.16 26.08
CA GLN B 206 -9.22 -5.81 26.78
C GLN B 206 -9.66 -6.43 28.11
N GLU B 207 -10.95 -6.71 28.29
CA GLU B 207 -11.43 -7.20 29.60
C GLU B 207 -10.85 -8.56 29.99
N ARG B 208 -10.73 -9.45 29.02
CA ARG B 208 -10.46 -10.86 29.31
C ARG B 208 -9.41 -11.49 28.41
N LYS B 209 -8.85 -12.60 28.90
CA LYS B 209 -8.01 -13.48 28.10
C LYS B 209 -8.54 -14.90 28.23
N PHE B 210 -8.16 -15.78 27.31
CA PHE B 210 -8.52 -17.20 27.42
C PHE B 210 -7.56 -17.97 28.32
N VAL B 211 -8.11 -18.74 29.26
CA VAL B 211 -7.28 -19.62 30.06
C VAL B 211 -6.59 -20.61 29.12
N GLY B 212 -5.27 -20.66 29.17
CA GLY B 212 -4.49 -21.56 28.31
C GLY B 212 -4.13 -20.98 26.95
N GLY B 213 -4.68 -19.81 26.63
CA GLY B 213 -4.28 -19.08 25.43
C GLY B 213 -5.29 -19.15 24.29
N SER B 214 -5.31 -18.11 23.47
CA SER B 214 -6.27 -18.01 22.36
C SER B 214 -5.96 -18.99 21.22
N GLY B 215 -4.69 -19.42 21.14
CA GLY B 215 -4.26 -20.41 20.15
C GLY B 215 -5.12 -21.67 20.17
N GLN B 216 -5.69 -21.95 21.34
CA GLN B 216 -6.53 -23.13 21.52
C GLN B 216 -7.79 -23.13 20.67
N VAL B 217 -8.27 -21.94 20.29
CA VAL B 217 -9.44 -21.85 19.41
C VAL B 217 -9.16 -22.58 18.09
N SER B 218 -8.10 -22.16 17.38
CA SER B 218 -7.75 -22.78 16.11
C SER B 218 -7.30 -24.23 16.29
N GLU B 219 -6.55 -24.50 17.36
CA GLU B 219 -6.03 -25.84 17.64
C GLU B 219 -7.17 -26.83 17.85
N ARG B 220 -8.18 -26.43 18.61
CA ARG B 220 -9.29 -27.33 18.96
C ARG B 220 -10.23 -27.57 17.79
N ILE B 221 -10.37 -26.58 16.90
CA ILE B 221 -11.09 -26.80 15.64
C ILE B 221 -10.30 -27.76 14.73
N MET B 222 -8.99 -27.58 14.69
CA MET B 222 -8.14 -28.53 13.97
C MET B 222 -8.28 -29.94 14.53
N ASP B 223 -8.36 -30.05 15.86
CA ASP B 223 -8.61 -31.34 16.51
C ASP B 223 -9.90 -31.97 15.97
N LEU B 224 -10.96 -31.18 15.90
CA LEU B 224 -12.23 -31.64 15.36
C LEU B 224 -12.14 -32.11 13.92
N LEU B 225 -11.48 -31.31 13.07
CA LEU B 225 -11.47 -31.60 11.64
C LEU B 225 -10.51 -32.73 11.25
N GLY B 226 -9.57 -33.05 12.14
CA GLY B 226 -8.56 -34.09 11.91
C GLY B 226 -7.70 -33.87 10.70
N ASP B 227 -7.68 -34.85 9.80
CA ASP B 227 -6.80 -34.79 8.64
C ASP B 227 -7.35 -33.93 7.51
N ARG B 228 -8.48 -33.25 7.75
CA ARG B 228 -9.01 -32.26 6.80
C ARG B 228 -8.16 -30.98 6.78
N VAL B 229 -7.39 -30.75 7.84
CA VAL B 229 -6.44 -29.64 7.88
C VAL B 229 -5.06 -30.08 7.36
N LYS B 230 -4.58 -29.38 6.34
CA LYS B 230 -3.31 -29.71 5.70
C LYS B 230 -2.31 -28.60 6.01
N LEU B 231 -1.33 -28.90 6.85
CA LEU B 231 -0.31 -27.94 7.26
C LEU B 231 0.85 -27.93 6.27
N GLU B 232 1.55 -26.80 6.17
CA GLU B 232 2.63 -26.63 5.19
C GLU B 232 2.15 -26.81 3.74
N ARG B 233 0.97 -26.25 3.48
CA ARG B 233 0.36 -26.24 2.16
C ARG B 233 0.04 -24.79 1.75
N PRO B 234 1.09 -23.99 1.46
CA PRO B 234 0.80 -22.64 0.98
C PRO B 234 0.16 -22.74 -0.39
N VAL B 235 -0.99 -22.08 -0.56
CA VAL B 235 -1.68 -22.01 -1.84
C VAL B 235 -0.94 -21.04 -2.77
N ILE B 236 -0.71 -21.50 -4.00
CA ILE B 236 0.05 -20.73 -4.99
C ILE B 236 -0.77 -20.40 -6.25
N TYR B 237 -1.85 -21.15 -6.47
CA TYR B 237 -2.55 -21.11 -7.75
C TYR B 237 -4.00 -21.48 -7.58
N ILE B 238 -4.90 -20.65 -8.11
CA ILE B 238 -6.32 -20.93 -8.13
C ILE B 238 -6.86 -20.78 -9.55
N ASP B 239 -7.44 -21.86 -10.07
CA ASP B 239 -7.94 -21.91 -11.43
C ASP B 239 -9.46 -22.08 -11.40
N GLN B 240 -10.17 -21.12 -11.98
CA GLN B 240 -11.62 -21.16 -12.04
C GLN B 240 -12.19 -21.30 -13.46
N THR B 241 -11.35 -21.74 -14.40
CA THR B 241 -11.76 -21.81 -15.80
C THR B 241 -12.60 -23.05 -16.10
N ARG B 242 -12.55 -24.05 -15.21
CA ARG B 242 -13.23 -25.33 -15.45
C ARG B 242 -14.47 -25.52 -14.55
N GLU B 243 -15.09 -26.69 -14.65
CA GLU B 243 -16.30 -27.05 -13.90
C GLU B 243 -16.12 -26.99 -12.38
N ASN B 244 -15.04 -27.58 -11.90
CA ASN B 244 -14.66 -27.49 -10.48
C ASN B 244 -13.47 -26.55 -10.33
N VAL B 245 -13.42 -25.82 -9.21
CA VAL B 245 -12.27 -24.95 -8.90
C VAL B 245 -11.06 -25.80 -8.54
N LEU B 246 -9.91 -25.44 -9.10
CA LEU B 246 -8.65 -26.13 -8.83
C LEU B 246 -7.74 -25.26 -7.97
N VAL B 247 -7.29 -25.82 -6.85
CA VAL B 247 -6.38 -25.10 -5.94
C VAL B 247 -5.07 -25.87 -5.82
N GLU B 248 -3.96 -25.22 -6.20
CA GLU B 248 -2.65 -25.84 -6.13
C GLU B 248 -1.82 -25.27 -4.98
N THR B 249 -1.05 -26.14 -4.33
CA THR B 249 -0.15 -25.75 -3.26
C THR B 249 1.32 -25.78 -3.67
N LEU B 250 2.16 -25.09 -2.91
CA LEU B 250 3.60 -25.00 -3.16
C LEU B 250 4.28 -26.37 -3.17
N ASN B 251 3.82 -27.28 -2.30
CA ASN B 251 4.32 -28.65 -2.27
C ASN B 251 3.69 -29.57 -3.33
N HIS B 252 3.13 -28.95 -4.38
CA HIS B 252 2.71 -29.62 -5.63
C HIS B 252 1.35 -30.33 -5.62
N GLU B 253 0.66 -30.31 -4.48
CA GLU B 253 -0.64 -30.96 -4.37
C GLU B 253 -1.74 -30.17 -5.08
N MET B 254 -2.72 -30.90 -5.62
CA MET B 254 -3.87 -30.32 -6.31
C MET B 254 -5.15 -30.64 -5.54
N TYR B 255 -5.96 -29.62 -5.30
CA TYR B 255 -7.26 -29.81 -4.65
C TYR B 255 -8.36 -29.32 -5.57
N GLU B 256 -9.48 -30.02 -5.55
CA GLU B 256 -10.60 -29.72 -6.43
C GLU B 256 -11.85 -29.53 -5.58
N ALA B 257 -12.51 -28.39 -5.72
CA ALA B 257 -13.71 -28.09 -4.95
C ALA B 257 -14.77 -27.34 -5.75
N LYS B 258 -15.99 -27.30 -5.21
CA LYS B 258 -17.08 -26.53 -5.79
C LYS B 258 -16.90 -25.04 -5.50
N TYR B 259 -16.38 -24.73 -4.32
CA TYR B 259 -16.16 -23.35 -3.88
C TYR B 259 -14.89 -23.21 -3.06
N VAL B 260 -14.42 -21.96 -2.95
CA VAL B 260 -13.25 -21.65 -2.15
C VAL B 260 -13.59 -20.51 -1.19
N ILE B 261 -13.05 -20.59 0.03
CA ILE B 261 -13.06 -19.45 0.93
C ILE B 261 -11.63 -18.97 1.11
N SER B 262 -11.39 -17.70 0.80
CA SER B 262 -10.09 -17.08 1.04
C SER B 262 -10.14 -16.46 2.43
N ALA B 263 -9.42 -17.07 3.37
CA ALA B 263 -9.44 -16.60 4.75
C ALA B 263 -8.08 -16.05 5.18
N ILE B 264 -7.43 -15.34 4.26
CA ILE B 264 -6.11 -14.76 4.49
C ILE B 264 -6.23 -13.23 4.45
N PRO B 265 -5.27 -12.51 5.08
CA PRO B 265 -5.28 -11.05 4.97
C PRO B 265 -5.37 -10.64 3.49
N PRO B 266 -6.15 -9.59 3.16
CA PRO B 266 -6.40 -9.25 1.75
C PRO B 266 -5.12 -9.19 0.91
N THR B 267 -4.09 -8.54 1.43
CA THR B 267 -2.88 -8.37 0.64
C THR B 267 -2.16 -9.70 0.35
N LEU B 268 -2.26 -10.68 1.25
CA LEU B 268 -1.64 -11.99 1.02
C LEU B 268 -2.29 -12.76 -0.14
N GLY B 269 -3.41 -12.25 -0.64
CA GLY B 269 -3.98 -12.71 -1.90
C GLY B 269 -2.98 -12.57 -3.05
N MET B 270 -2.01 -11.68 -2.89
CA MET B 270 -0.99 -11.47 -3.92
C MET B 270 -0.09 -12.69 -4.12
N LYS B 271 0.04 -13.52 -3.10
CA LYS B 271 0.88 -14.73 -3.17
C LYS B 271 0.28 -15.86 -4.02
N ILE B 272 -0.93 -15.66 -4.50
CA ILE B 272 -1.67 -16.64 -5.31
C ILE B 272 -1.78 -16.13 -6.75
N HIS B 273 -1.46 -17.01 -7.71
CA HIS B 273 -1.58 -16.69 -9.12
C HIS B 273 -2.97 -17.14 -9.57
N PHE B 274 -3.73 -16.22 -10.18
CA PHE B 274 -5.13 -16.49 -10.52
C PHE B 274 -5.36 -16.74 -11.99
N ASN B 275 -6.19 -17.74 -12.26
CA ASN B 275 -6.65 -18.04 -13.60
C ASN B 275 -8.16 -18.26 -13.57
N PRO B 276 -8.93 -17.41 -14.28
CA PRO B 276 -8.52 -16.23 -15.03
C PRO B 276 -7.98 -15.17 -14.05
N PRO B 277 -7.34 -14.10 -14.57
CA PRO B 277 -6.84 -13.07 -13.66
C PRO B 277 -8.00 -12.48 -12.87
N LEU B 278 -7.70 -11.92 -11.70
CA LEU B 278 -8.71 -11.21 -10.90
C LEU B 278 -9.27 -10.03 -11.68
N PRO B 279 -10.53 -9.63 -11.36
CA PRO B 279 -11.06 -8.38 -11.93
C PRO B 279 -10.15 -7.23 -11.53
N MET B 280 -10.10 -6.20 -12.38
CA MET B 280 -9.23 -5.03 -12.14
C MET B 280 -9.25 -4.50 -10.71
N MET B 281 -10.45 -4.28 -10.14
CA MET B 281 -10.55 -3.63 -8.84
C MET B 281 -9.91 -4.44 -7.72
N ARG B 282 -10.15 -5.75 -7.71
CA ARG B 282 -9.48 -6.59 -6.72
C ARG B 282 -7.98 -6.74 -7.02
N ASN B 283 -7.62 -6.84 -8.30
CA ASN B 283 -6.21 -6.89 -8.70
C ASN B 283 -5.39 -5.75 -8.07
N GLN B 284 -5.94 -4.54 -8.12
CA GLN B 284 -5.24 -3.39 -7.52
C GLN B 284 -5.46 -3.26 -6.02
N MET B 285 -6.65 -3.60 -5.54
CA MET B 285 -6.94 -3.47 -4.11
C MET B 285 -5.91 -4.20 -3.24
N ILE B 286 -5.54 -5.41 -3.65
CA ILE B 286 -4.69 -6.28 -2.84
C ILE B 286 -3.21 -5.82 -2.80
N THR B 287 -2.89 -4.75 -3.54
CA THR B 287 -1.59 -4.08 -3.46
C THR B 287 -1.64 -2.80 -2.64
N ARG B 288 -2.82 -2.47 -2.11
CA ARG B 288 -3.06 -1.16 -1.51
C ARG B 288 -3.37 -1.20 -0.03
N VAL B 289 -3.23 -2.38 0.55
CA VAL B 289 -3.77 -2.63 1.90
C VAL B 289 -2.76 -3.34 2.81
N PRO B 290 -1.78 -2.58 3.33
CA PRO B 290 -0.78 -3.19 4.20
C PRO B 290 -1.30 -3.49 5.61
N LEU B 291 -0.54 -4.30 6.35
CA LEU B 291 -0.82 -4.52 7.77
C LEU B 291 0.15 -3.72 8.61
N GLY B 292 -0.23 -3.42 9.86
CA GLY B 292 0.58 -2.59 10.75
C GLY B 292 1.81 -3.31 11.27
N SER B 293 2.54 -2.64 12.15
CA SER B 293 3.82 -3.12 12.61
C SER B 293 3.84 -3.12 14.12
N VAL B 294 4.20 -4.26 14.70
CA VAL B 294 4.21 -4.42 16.16
C VAL B 294 5.12 -5.56 16.60
N ILE B 295 5.79 -5.35 17.72
CA ILE B 295 6.46 -6.40 18.46
C ILE B 295 5.73 -6.51 19.80
N LYS B 296 5.22 -7.71 20.09
CA LYS B 296 4.61 -7.97 21.37
C LYS B 296 5.65 -8.56 22.31
N CYS B 297 5.78 -7.96 23.50
CA CYS B 297 6.88 -8.26 24.42
C CYS B 297 6.28 -8.54 25.78
N ILE B 298 6.72 -9.63 26.39
CA ILE B 298 6.23 -10.02 27.72
C ILE B 298 7.44 -10.21 28.63
N VAL B 299 7.53 -9.39 29.67
CA VAL B 299 8.62 -9.46 30.64
C VAL B 299 8.06 -10.11 31.91
N TYR B 300 8.75 -11.16 32.38
CA TYR B 300 8.31 -11.95 33.54
C TYR B 300 9.06 -11.57 34.80
N TYR B 301 8.37 -11.64 35.93
CA TYR B 301 8.95 -11.29 37.23
C TYR B 301 8.56 -12.32 38.27
N LYS B 302 9.30 -12.37 39.37
CA LYS B 302 9.00 -13.29 40.48
C LYS B 302 7.59 -13.06 41.04
N GLU B 303 7.21 -11.79 41.21
CA GLU B 303 5.91 -11.43 41.77
C GLU B 303 5.30 -10.24 41.00
N PRO B 304 3.96 -10.08 41.06
CA PRO B 304 3.36 -8.89 40.44
C PRO B 304 3.54 -7.68 41.36
N PHE B 305 4.79 -7.26 41.49
CA PHE B 305 5.21 -6.28 42.51
C PHE B 305 4.49 -4.95 42.42
N TRP B 306 4.06 -4.56 41.21
CA TRP B 306 3.32 -3.31 41.01
C TRP B 306 2.04 -3.23 41.85
N ARG B 307 1.38 -4.37 42.06
CA ARG B 307 0.16 -4.40 42.87
C ARG B 307 0.38 -3.90 44.31
N LYS B 308 1.59 -4.08 44.82
CA LYS B 308 1.92 -3.61 46.18
C LYS B 308 1.92 -2.09 46.29
N LYS B 309 2.14 -1.40 45.17
CA LYS B 309 2.11 0.05 45.14
C LYS B 309 0.75 0.58 44.67
N ASP B 310 -0.24 -0.30 44.63
CA ASP B 310 -1.60 0.01 44.16
C ASP B 310 -1.61 0.43 42.67
N TYR B 311 -0.77 -0.25 41.89
CA TYR B 311 -0.79 -0.14 40.43
C TYR B 311 -1.29 -1.46 39.85
N CYS B 312 -2.15 -1.40 38.85
CA CYS B 312 -2.66 -2.63 38.25
C CYS B 312 -1.71 -3.24 37.22
N GLY B 313 -0.80 -2.41 36.69
CA GLY B 313 0.15 -2.85 35.66
C GLY B 313 -0.09 -2.20 34.31
N THR B 314 -1.22 -1.52 34.17
CA THR B 314 -1.50 -0.74 32.96
C THR B 314 -0.72 0.55 32.99
N MET B 315 0.04 0.81 31.92
CA MET B 315 0.83 2.01 31.79
C MET B 315 0.51 2.59 30.42
N ILE B 316 0.22 3.89 30.39
CA ILE B 316 0.05 4.62 29.14
C ILE B 316 1.19 5.63 29.14
N ILE B 317 2.13 5.44 28.22
CA ILE B 317 3.43 6.13 28.28
C ILE B 317 3.62 6.97 27.03
N ASP B 318 3.56 8.29 27.19
CA ASP B 318 3.67 9.18 26.03
C ASP B 318 5.12 9.42 25.64
N GLY B 319 5.33 9.89 24.41
CA GLY B 319 6.64 10.38 24.00
C GLY B 319 7.41 9.47 23.06
N GLU B 320 8.32 10.08 22.29
CA GLU B 320 9.13 9.35 21.33
C GLU B 320 10.12 8.39 21.99
N GLU B 321 10.68 8.79 23.13
CA GLU B 321 11.76 8.06 23.79
C GLU B 321 11.34 6.65 24.23
N ALA B 322 10.15 6.51 24.80
CA ALA B 322 9.69 5.23 25.33
C ALA B 322 9.53 4.17 24.24
N PRO B 323 10.14 2.99 24.41
CA PRO B 323 9.99 1.94 23.38
C PRO B 323 8.57 1.39 23.30
N VAL B 324 7.90 1.34 24.46
CA VAL B 324 6.56 0.79 24.62
C VAL B 324 5.65 1.91 25.12
N ALA B 325 4.52 2.08 24.45
CA ALA B 325 3.58 3.14 24.81
C ALA B 325 2.41 2.64 25.64
N TYR B 326 2.24 1.32 25.71
CA TYR B 326 1.12 0.72 26.44
C TYR B 326 1.44 -0.65 26.98
N THR B 327 1.06 -0.88 28.23
CA THR B 327 1.25 -2.17 28.88
C THR B 327 -0.01 -2.63 29.58
N LEU B 328 -0.11 -3.94 29.79
CA LEU B 328 -1.13 -4.51 30.67
C LEU B 328 -0.46 -5.59 31.52
N ASP B 329 -1.03 -5.80 32.70
CA ASP B 329 -0.62 -6.91 33.57
C ASP B 329 -0.94 -8.23 32.85
N ASP B 330 0.07 -9.08 32.64
CA ASP B 330 -0.14 -10.38 31.98
C ASP B 330 -0.01 -11.56 32.94
N THR B 331 -0.06 -11.27 34.24
CA THR B 331 -0.01 -12.30 35.29
C THR B 331 -1.18 -13.27 35.14
N LYS B 332 -0.93 -14.53 35.46
CA LYS B 332 -1.97 -15.53 35.32
C LYS B 332 -3.02 -15.45 36.43
N PRO B 333 -4.21 -16.04 36.19
CA PRO B 333 -5.31 -15.82 37.13
C PRO B 333 -4.96 -16.21 38.57
N GLU B 334 -4.04 -17.16 38.73
CA GLU B 334 -3.67 -17.65 40.05
C GLU B 334 -2.70 -16.70 40.78
N GLY B 335 -2.15 -15.73 40.04
CA GLY B 335 -1.24 -14.75 40.63
C GLY B 335 0.20 -15.13 40.40
N ASN B 336 0.41 -16.23 39.71
CA ASN B 336 1.75 -16.68 39.40
C ASN B 336 2.07 -16.34 37.95
N TYR B 337 3.32 -16.60 37.56
CA TYR B 337 3.85 -16.19 36.26
C TYR B 337 3.65 -14.70 36.06
N ALA B 338 3.96 -13.93 37.11
CA ALA B 338 3.85 -12.47 37.07
C ALA B 338 4.55 -11.92 35.82
N ALA B 339 3.88 -11.00 35.14
CA ALA B 339 4.35 -10.49 33.85
C ALA B 339 3.71 -9.18 33.46
N ILE B 340 4.44 -8.40 32.67
CA ILE B 340 3.93 -7.20 32.05
C ILE B 340 3.99 -7.41 30.54
N MET B 341 2.86 -7.20 29.88
CA MET B 341 2.83 -7.23 28.42
C MET B 341 2.96 -5.80 27.91
N GLY B 342 3.83 -5.59 26.93
CA GLY B 342 3.97 -4.29 26.28
C GLY B 342 4.03 -4.44 24.77
N PHE B 343 3.60 -3.39 24.06
CA PHE B 343 3.62 -3.35 22.60
C PHE B 343 4.64 -2.32 22.15
N ILE B 344 5.53 -2.70 21.23
CA ILE B 344 6.40 -1.75 20.55
C ILE B 344 5.74 -1.45 19.20
N LEU B 345 5.29 -0.22 19.00
CA LEU B 345 4.30 0.10 17.95
C LEU B 345 4.85 0.81 16.72
N ALA B 346 4.36 0.42 15.54
CA ALA B 346 4.57 1.19 14.30
C ALA B 346 6.06 1.50 14.02
N HIS B 347 6.44 2.77 13.86
CA HIS B 347 7.85 3.08 13.53
C HIS B 347 8.83 2.57 14.59
N LYS B 348 8.39 2.49 15.85
CA LYS B 348 9.28 1.97 16.90
C LYS B 348 9.59 0.49 16.70
N ALA B 349 8.65 -0.27 16.14
CA ALA B 349 8.89 -1.67 15.80
C ALA B 349 9.97 -1.77 14.72
N ARG B 350 9.87 -0.90 13.73
CA ARG B 350 10.88 -0.83 12.66
C ARG B 350 12.25 -0.47 13.23
N LYS B 351 12.29 0.56 14.06
CA LYS B 351 13.56 1.08 14.62
C LYS B 351 14.25 0.08 15.55
N LEU B 352 13.47 -0.50 16.46
CA LEU B 352 14.02 -1.34 17.54
C LEU B 352 14.23 -2.80 17.16
N ALA B 353 13.73 -3.19 16.00
CA ALA B 353 13.92 -4.54 15.48
C ALA B 353 15.40 -4.85 15.23
N ARG B 354 16.19 -3.81 14.98
CA ARG B 354 17.64 -3.94 14.73
C ARG B 354 18.42 -4.48 15.93
N LEU B 355 17.88 -4.22 17.13
CA LEU B 355 18.52 -4.63 18.37
C LEU B 355 18.43 -6.14 18.63
N THR B 356 19.21 -6.63 19.58
CA THR B 356 19.09 -8.01 20.02
C THR B 356 17.90 -8.14 20.98
N LYS B 357 17.43 -9.37 21.17
CA LYS B 357 16.41 -9.69 22.15
C LYS B 357 16.81 -9.16 23.54
N GLU B 358 18.08 -9.35 23.90
CA GLU B 358 18.59 -8.94 25.20
C GLU B 358 18.62 -7.42 25.35
N GLU B 359 18.96 -6.72 24.26
CA GLU B 359 18.93 -5.27 24.23
C GLU B 359 17.52 -4.71 24.41
N ARG B 360 16.53 -5.34 23.77
CA ARG B 360 15.15 -4.93 23.94
C ARG B 360 14.68 -5.17 25.38
N LEU B 361 15.01 -6.31 25.94
CA LEU B 361 14.68 -6.61 27.34
C LEU B 361 15.19 -5.52 28.29
N LYS B 362 16.45 -5.12 28.12
CA LYS B 362 17.06 -4.09 28.98
C LYS B 362 16.30 -2.75 28.88
N LYS B 363 16.01 -2.32 27.66
CA LYS B 363 15.26 -1.08 27.43
C LYS B 363 13.87 -1.10 28.08
N LEU B 364 13.17 -2.24 27.96
CA LEU B 364 11.84 -2.38 28.55
C LEU B 364 11.89 -2.36 30.07
N CYS B 365 12.82 -3.12 30.65
CA CYS B 365 12.97 -3.16 32.09
C CYS B 365 13.29 -1.79 32.70
N GLU B 366 14.21 -1.07 32.05
CA GLU B 366 14.56 0.29 32.50
C GLU B 366 13.39 1.28 32.37
N LEU B 367 12.64 1.20 31.27
CA LEU B 367 11.40 1.96 31.14
C LEU B 367 10.39 1.64 32.25
N TYR B 368 10.14 0.35 32.48
CA TYR B 368 9.14 -0.04 33.46
C TYR B 368 9.56 0.37 34.87
N ALA B 369 10.86 0.30 35.13
CA ALA B 369 11.39 0.73 36.43
C ALA B 369 11.06 2.20 36.67
N LYS B 370 11.22 3.01 35.63
CA LYS B 370 10.92 4.42 35.74
C LYS B 370 9.44 4.67 35.93
N VAL B 371 8.61 4.02 35.11
CA VAL B 371 7.16 4.29 35.12
C VAL B 371 6.47 3.76 36.40
N LEU B 372 6.85 2.56 36.79
CA LEU B 372 6.33 1.93 38.00
C LEU B 372 7.03 2.42 39.26
N GLY B 373 8.15 3.12 39.08
CA GLY B 373 8.94 3.62 40.21
C GLY B 373 9.41 2.49 41.12
N SER B 374 9.96 1.44 40.53
CA SER B 374 10.38 0.26 41.28
C SER B 374 11.64 -0.35 40.69
N LEU B 375 12.63 -0.57 41.55
CA LEU B 375 13.84 -1.28 41.14
C LEU B 375 13.55 -2.75 40.81
N GLU B 376 12.43 -3.27 41.30
CA GLU B 376 12.06 -4.67 41.01
C GLU B 376 11.89 -4.94 39.52
N ALA B 377 11.57 -3.89 38.76
CA ALA B 377 11.42 -4.00 37.30
C ALA B 377 12.73 -4.33 36.59
N LEU B 378 13.85 -4.11 37.28
CA LEU B 378 15.17 -4.37 36.70
C LEU B 378 15.63 -5.81 36.89
N GLU B 379 14.80 -6.64 37.51
CA GLU B 379 15.17 -8.03 37.75
C GLU B 379 14.21 -9.03 37.09
N PRO B 380 14.15 -9.02 35.75
CA PRO B 380 13.24 -9.99 35.11
C PRO B 380 13.74 -11.42 35.28
N VAL B 381 12.82 -12.37 35.31
CA VAL B 381 13.17 -13.79 35.40
C VAL B 381 13.07 -14.50 34.06
N HIS B 382 12.35 -13.88 33.12
CA HIS B 382 12.16 -14.46 31.80
C HIS B 382 11.63 -13.39 30.85
N TYR B 383 11.78 -13.65 29.55
CA TYR B 383 11.35 -12.73 28.48
C TYR B 383 10.89 -13.50 27.26
N GLU B 384 9.76 -13.10 26.70
CA GLU B 384 9.28 -13.63 25.41
C GLU B 384 8.84 -12.47 24.54
N GLU B 385 9.04 -12.60 23.23
CA GLU B 385 8.62 -11.55 22.30
C GLU B 385 8.34 -12.12 20.93
N LYS B 386 7.55 -11.40 20.16
CA LYS B 386 7.31 -11.76 18.77
C LYS B 386 7.16 -10.51 17.92
N ASN B 387 7.98 -10.43 16.89
CA ASN B 387 7.91 -9.34 15.94
C ASN B 387 7.10 -9.80 14.73
N TRP B 388 5.88 -9.31 14.62
CA TRP B 388 4.97 -9.76 13.57
C TRP B 388 5.30 -9.21 12.19
N CYS B 389 6.18 -8.22 12.12
CA CYS B 389 6.63 -7.65 10.84
C CYS B 389 7.41 -8.65 9.99
N GLU B 390 7.96 -9.68 10.63
CA GLU B 390 8.82 -10.61 9.90
C GLU B 390 8.04 -11.80 9.27
N GLU B 391 6.74 -11.86 9.54
CA GLU B 391 5.93 -13.02 9.14
C GLU B 391 5.47 -12.97 7.69
N GLN B 392 6.05 -13.85 6.87
CA GLN B 392 5.64 -14.00 5.46
C GLN B 392 4.15 -14.24 5.27
N TYR B 393 3.55 -15.04 6.15
CA TYR B 393 2.14 -15.42 5.97
C TYR B 393 1.15 -14.65 6.87
N SER B 394 1.62 -13.56 7.47
CA SER B 394 0.73 -12.58 8.12
C SER B 394 0.85 -11.22 7.45
N GLY B 395 2.09 -10.76 7.29
CA GLY B 395 2.38 -9.43 6.73
C GLY B 395 2.51 -8.33 7.78
N GLY B 396 2.14 -8.66 9.02
CA GLY B 396 2.17 -7.73 10.15
C GLY B 396 1.04 -8.04 11.13
N CYS B 397 0.78 -7.10 12.03
CA CYS B 397 -0.29 -7.18 13.01
C CYS B 397 -0.64 -5.78 13.52
N TYR B 398 -1.84 -5.58 14.08
CA TYR B 398 -2.86 -6.61 14.29
C TYR B 398 -3.63 -6.90 13.04
N THR B 399 -3.75 -5.89 12.18
CA THR B 399 -4.66 -5.99 11.05
C THR B 399 -4.25 -5.09 9.90
N THR B 400 -5.04 -5.16 8.84
CA THR B 400 -4.87 -4.33 7.64
C THR B 400 -5.35 -2.90 7.88
N TYR B 401 -4.54 -1.92 7.50
CA TYR B 401 -4.97 -0.53 7.54
C TYR B 401 -5.12 0.01 6.12
N PHE B 402 -5.93 1.07 5.98
CA PHE B 402 -6.17 1.68 4.67
C PHE B 402 -5.54 3.05 4.62
N PRO B 403 -4.54 3.24 3.73
CA PRO B 403 -3.99 4.58 3.51
C PRO B 403 -5.01 5.53 2.87
N PRO B 404 -4.71 6.84 2.85
CA PRO B 404 -5.70 7.80 2.34
C PRO B 404 -6.12 7.47 0.90
N GLY B 405 -7.42 7.54 0.66
CA GLY B 405 -7.99 7.38 -0.67
C GLY B 405 -8.40 5.98 -1.07
N ILE B 406 -8.01 4.98 -0.28
CA ILE B 406 -8.19 3.57 -0.68
C ILE B 406 -9.57 2.99 -0.33
N LEU B 407 -10.07 3.29 0.88
CA LEU B 407 -11.34 2.72 1.31
C LEU B 407 -12.51 3.11 0.41
N THR B 408 -12.55 4.36 -0.04
CA THR B 408 -13.65 4.82 -0.89
C THR B 408 -13.53 4.24 -2.29
N GLN B 409 -12.30 4.08 -2.78
CA GLN B 409 -12.09 3.58 -4.14
C GLN B 409 -12.17 2.07 -4.30
N TYR B 410 -11.76 1.34 -3.25
CA TYR B 410 -11.62 -0.11 -3.32
C TYR B 410 -12.34 -0.88 -2.23
N GLY B 411 -12.88 -0.19 -1.23
CA GLY B 411 -13.46 -0.85 -0.06
C GLY B 411 -14.58 -1.83 -0.36
N ARG B 412 -15.39 -1.50 -1.36
CA ARG B 412 -16.53 -2.34 -1.71
C ARG B 412 -16.15 -3.71 -2.27
N VAL B 413 -14.93 -3.87 -2.78
CA VAL B 413 -14.57 -5.18 -3.32
C VAL B 413 -14.02 -6.15 -2.29
N LEU B 414 -13.72 -5.66 -1.08
CA LEU B 414 -13.18 -6.53 -0.01
C LEU B 414 -13.87 -7.88 0.11
N ARG B 415 -15.19 -7.90 0.23
CA ARG B 415 -15.86 -9.17 0.38
C ARG B 415 -16.78 -9.55 -0.79
N GLN B 416 -16.59 -8.87 -1.92
CA GLN B 416 -17.30 -9.22 -3.14
C GLN B 416 -16.77 -10.55 -3.69
N PRO B 417 -17.66 -11.56 -3.87
CA PRO B 417 -17.18 -12.84 -4.35
C PRO B 417 -16.55 -12.72 -5.74
N VAL B 418 -15.56 -13.55 -6.03
CA VAL B 418 -14.99 -13.63 -7.38
C VAL B 418 -15.30 -15.01 -7.93
N ASP B 419 -16.38 -15.08 -8.72
CA ASP B 419 -16.91 -16.34 -9.26
C ASP B 419 -17.29 -17.28 -8.11
N ARG B 420 -16.45 -18.28 -7.85
CA ARG B 420 -16.72 -19.24 -6.77
C ARG B 420 -15.79 -19.09 -5.56
N ILE B 421 -15.05 -17.99 -5.51
CA ILE B 421 -14.23 -17.64 -4.35
C ILE B 421 -14.96 -16.63 -3.48
N TYR B 422 -15.14 -16.97 -2.21
CA TYR B 422 -15.76 -16.09 -1.22
C TYR B 422 -14.69 -15.65 -0.24
N PHE B 423 -14.91 -14.52 0.42
CA PHE B 423 -13.84 -13.90 1.22
C PHE B 423 -14.16 -13.81 2.69
N ALA B 424 -13.36 -14.49 3.49
CA ALA B 424 -13.47 -14.40 4.94
C ALA B 424 -12.29 -13.57 5.44
N GLY B 425 -11.89 -13.79 6.70
CA GLY B 425 -10.81 -12.99 7.28
C GLY B 425 -11.35 -11.80 8.02
N THR B 426 -10.71 -11.46 9.15
CA THR B 426 -11.23 -10.43 10.04
C THR B 426 -11.41 -9.08 9.34
N GLU B 427 -10.60 -8.84 8.30
CA GLU B 427 -10.67 -7.58 7.51
C GLU B 427 -12.02 -7.37 6.83
N THR B 428 -12.75 -8.46 6.61
CA THR B 428 -14.08 -8.39 5.99
C THR B 428 -15.25 -8.32 6.97
N ALA B 429 -14.97 -8.30 8.27
CA ALA B 429 -16.03 -8.22 9.28
C ALA B 429 -16.64 -6.82 9.33
N THR B 430 -17.82 -6.74 9.94
CA THR B 430 -18.52 -5.46 10.12
C THR B 430 -18.63 -5.04 11.58
N HIS B 431 -18.22 -5.91 12.49
CA HIS B 431 -18.23 -5.66 13.93
C HIS B 431 -16.95 -6.29 14.50
N TRP B 432 -16.12 -5.48 15.14
CA TRP B 432 -14.77 -5.88 15.59
C TRP B 432 -13.91 -6.47 14.48
N SER B 433 -14.03 -5.93 13.26
CA SER B 433 -13.04 -6.22 12.24
C SER B 433 -11.66 -5.88 12.80
N GLY B 434 -10.68 -6.74 12.56
CA GLY B 434 -9.33 -6.53 13.09
C GLY B 434 -9.03 -7.42 14.29
N TYR B 435 -10.09 -7.98 14.87
CA TYR B 435 -10.05 -8.80 16.09
C TYR B 435 -10.44 -10.25 15.81
N MET B 436 -10.20 -11.10 16.79
CA MET B 436 -10.64 -12.49 16.73
C MET B 436 -12.16 -12.58 16.55
N GLU B 437 -12.91 -11.71 17.24
CA GLU B 437 -14.35 -11.59 17.02
C GLU B 437 -14.71 -11.40 15.53
N GLY B 438 -14.05 -10.45 14.87
CA GLY B 438 -14.26 -10.24 13.42
C GLY B 438 -13.88 -11.44 12.57
N ALA B 439 -12.83 -12.14 12.95
CA ALA B 439 -12.45 -13.36 12.25
C ALA B 439 -13.61 -14.37 12.25
N VAL B 440 -14.24 -14.58 13.43
CA VAL B 440 -15.38 -15.50 13.53
C VAL B 440 -16.57 -15.02 12.69
N GLU B 441 -16.92 -13.74 12.82
CA GLU B 441 -18.03 -13.18 12.06
C GLU B 441 -17.85 -13.42 10.56
N ALA B 442 -16.66 -13.12 10.04
CA ALA B 442 -16.41 -13.17 8.60
C ALA B 442 -16.35 -14.59 8.07
N GLY B 443 -15.77 -15.50 8.86
CA GLY B 443 -15.65 -16.90 8.47
C GLY B 443 -17.00 -17.56 8.37
N GLU B 444 -17.84 -17.33 9.37
CA GLU B 444 -19.19 -17.89 9.38
C GLU B 444 -20.07 -17.28 8.32
N ARG B 445 -19.94 -15.97 8.08
CA ARG B 445 -20.67 -15.31 6.99
C ARG B 445 -20.28 -15.85 5.61
N ALA B 446 -18.97 -15.99 5.36
CA ALA B 446 -18.49 -16.53 4.08
C ALA B 446 -18.97 -17.97 3.88
N ALA B 447 -18.93 -18.77 4.94
CA ALA B 447 -19.45 -20.15 4.88
C ALA B 447 -20.93 -20.15 4.51
N ARG B 448 -21.69 -19.24 5.12
CA ARG B 448 -23.14 -19.17 4.87
C ARG B 448 -23.46 -18.61 3.48
N GLU B 449 -22.58 -17.76 2.94
CA GLU B 449 -22.71 -17.33 1.53
C GLU B 449 -22.66 -18.54 0.60
N ILE B 450 -21.76 -19.47 0.91
CA ILE B 450 -21.61 -20.69 0.13
C ILE B 450 -22.83 -21.61 0.32
N LEU B 451 -23.28 -21.78 1.57
CA LEU B 451 -24.52 -22.54 1.81
C LEU B 451 -25.69 -21.99 0.99
N HIS B 452 -25.79 -20.65 0.91
CA HIS B 452 -26.83 -20.01 0.10
C HIS B 452 -26.62 -20.25 -1.40
N ALA B 453 -25.39 -20.10 -1.88
CA ALA B 453 -25.06 -20.41 -3.28
C ALA B 453 -25.41 -21.86 -3.65
N MET B 454 -25.37 -22.75 -2.68
CA MET B 454 -25.73 -24.16 -2.89
C MET B 454 -27.22 -24.40 -2.77
N GLY B 455 -27.96 -23.36 -2.39
CA GLY B 455 -29.41 -23.44 -2.21
C GLY B 455 -29.83 -24.15 -0.93
N LYS B 456 -28.90 -24.25 0.03
CA LYS B 456 -29.17 -24.90 1.32
C LYS B 456 -29.83 -24.00 2.36
N ILE B 457 -29.59 -22.69 2.27
CA ILE B 457 -30.24 -21.72 3.16
C ILE B 457 -30.73 -20.51 2.34
N PRO B 458 -31.72 -19.76 2.87
CA PRO B 458 -32.21 -18.54 2.23
C PRO B 458 -31.26 -17.34 2.41
N GLU B 459 -31.42 -16.33 1.55
CA GLU B 459 -30.55 -15.15 1.57
C GLU B 459 -30.50 -14.43 2.92
N ASP B 460 -31.63 -14.38 3.62
CA ASP B 460 -31.69 -13.67 4.90
C ASP B 460 -31.00 -14.41 6.06
N GLU B 461 -30.42 -15.57 5.78
CA GLU B 461 -29.67 -16.31 6.80
C GLU B 461 -28.15 -16.20 6.61
N ILE B 462 -27.73 -15.46 5.59
CA ILE B 462 -26.29 -15.24 5.35
C ILE B 462 -25.66 -14.47 6.51
N TRP B 463 -26.31 -13.39 6.92
CA TRP B 463 -25.88 -12.64 8.09
C TRP B 463 -26.77 -13.04 9.25
N GLN B 464 -26.13 -13.39 10.36
CA GLN B 464 -26.82 -13.92 11.52
C GLN B 464 -26.43 -13.18 12.79
N SER B 465 -27.44 -12.76 13.56
CA SER B 465 -27.21 -12.11 14.86
C SER B 465 -26.65 -13.11 15.87
N GLU B 466 -26.02 -12.59 16.92
CA GLU B 466 -25.43 -13.43 17.97
C GLU B 466 -26.00 -13.08 19.34
N PRO B 467 -26.55 -14.07 20.06
CA PRO B 467 -27.04 -13.76 21.42
C PRO B 467 -25.87 -13.32 22.32
N GLU B 468 -26.16 -12.45 23.28
CA GLU B 468 -25.14 -11.95 24.20
C GLU B 468 -24.63 -13.07 25.10
N SER B 469 -23.32 -13.11 25.31
CA SER B 469 -22.69 -14.04 26.23
C SER B 469 -23.28 -13.89 27.64
N VAL B 470 -23.56 -15.02 28.30
CA VAL B 470 -23.99 -14.97 29.70
C VAL B 470 -22.81 -14.73 30.64
N ASP B 471 -21.62 -15.14 30.21
CA ASP B 471 -20.41 -15.07 31.02
C ASP B 471 -19.75 -13.71 30.97
N VAL B 472 -19.91 -13.03 29.82
CA VAL B 472 -19.29 -11.72 29.61
C VAL B 472 -20.35 -10.74 29.10
N PRO B 473 -21.29 -10.34 29.99
CA PRO B 473 -22.32 -9.42 29.54
C PRO B 473 -21.78 -8.00 29.34
N ALA B 474 -22.39 -7.26 28.44
CA ALA B 474 -21.99 -5.89 28.18
C ALA B 474 -22.78 -4.92 29.04
N GLN B 475 -22.06 -3.99 29.69
CA GLN B 475 -22.71 -2.88 30.36
C GLN B 475 -22.75 -1.70 29.40
N PRO B 476 -23.80 -0.88 29.48
CA PRO B 476 -23.90 0.22 28.51
C PRO B 476 -22.77 1.25 28.68
N ILE B 477 -22.40 1.88 27.56
CA ILE B 477 -21.43 2.97 27.56
C ILE B 477 -22.20 4.24 27.89
N THR B 478 -21.73 4.97 28.90
CA THR B 478 -22.43 6.20 29.32
C THR B 478 -21.54 7.44 29.19
N THR B 479 -22.19 8.60 29.11
CA THR B 479 -21.52 9.89 29.14
C THR B 479 -22.21 10.79 30.18
N THR B 480 -21.50 11.80 30.64
CA THR B 480 -22.09 12.77 31.58
C THR B 480 -22.61 13.97 30.80
N PHE B 481 -23.50 14.74 31.43
CA PHE B 481 -24.07 15.92 30.81
C PHE B 481 -22.99 16.91 30.34
N LEU B 482 -21.97 17.09 31.18
CA LEU B 482 -20.86 17.99 30.88
C LEU B 482 -20.01 17.50 29.70
N GLU B 483 -19.73 16.20 29.68
CA GLU B 483 -18.98 15.60 28.56
C GLU B 483 -19.70 15.85 27.23
N ARG B 484 -21.02 15.74 27.24
CA ARG B 484 -21.83 15.95 26.03
C ARG B 484 -21.90 17.41 25.58
N HIS B 485 -21.87 18.35 26.53
CA HIS B 485 -22.18 19.75 26.21
C HIS B 485 -21.08 20.80 26.40
N LEU B 486 -20.01 20.45 27.11
CA LEU B 486 -18.89 21.37 27.22
C LEU B 486 -18.38 21.75 25.83
N PRO B 487 -18.02 23.02 25.63
CA PRO B 487 -17.58 23.46 24.31
C PRO B 487 -16.18 22.96 23.97
N SER B 488 -15.85 22.93 22.68
CA SER B 488 -14.48 22.74 22.22
C SER B 488 -13.66 24.00 22.53
N VAL B 489 -12.35 23.96 22.28
CA VAL B 489 -11.52 25.16 22.44
C VAL B 489 -11.96 26.29 21.49
N PRO B 490 -12.10 26.01 20.17
CA PRO B 490 -12.60 27.09 19.30
C PRO B 490 -14.02 27.53 19.66
N GLY B 491 -14.82 26.61 20.19
CA GLY B 491 -16.17 26.92 20.68
C GLY B 491 -16.16 27.91 21.83
N LEU B 492 -15.22 27.74 22.75
CA LEU B 492 -15.03 28.65 23.86
C LEU B 492 -14.49 30.01 23.38
N LEU B 493 -13.72 29.98 22.28
CA LEU B 493 -13.17 31.21 21.69
C LEU B 493 -14.24 32.04 20.98
N ARG B 494 -15.24 31.37 20.42
CA ARG B 494 -16.37 32.04 19.77
C ARG B 494 -17.31 32.68 20.79
N LEU B 495 -17.27 32.18 22.03
CA LEU B 495 -17.97 32.81 23.14
C LEU B 495 -17.12 33.94 23.74
N ILE B 496 -16.02 34.27 23.06
CA ILE B 496 -15.13 35.36 23.45
C ILE B 496 -14.79 36.25 22.25
#